data_6EW9
#
_entry.id   6EW9
#
_cell.length_a   71.600
_cell.length_b   53.650
_cell.length_c   132.500
_cell.angle_alpha   90.000
_cell.angle_beta   101.800
_cell.angle_gamma   90.000
#
_symmetry.space_group_name_H-M   'P 1 2 1'
#
loop_
_entity.id
_entity.type
_entity.pdbx_description
1 polymer 'Serine endoprotease DegS'
2 polymer 'DNRLGLVYQF PEPTIDE'
3 non-polymer DI(HYDROXYETHYL)ETHER
4 non-polymer 'CALCIUM ION'
5 water water
#
loop_
_entity_poly.entity_id
_entity_poly.type
_entity_poly.pdbx_seq_one_letter_code
_entity_poly.pdbx_strand_id
1 'polypeptide(L)'
;GPTPASYNLAVRRAAPAVVNVYNRGLNTNSHNQLEIRTLGSGVIMDQRGYIITNKHVINDADQIIVALQDGRVFEALLVG
SDSLTDLAVLKINATGGLPTIPINARRVPHIGDVVLAIGNPYNLGQTITQGIISATGRIGLNPTGRQNFLQTDASINHGN
SGGALVNSLGELMGINTLSFDKSNDGETPEGIGFAIPFQLATKIMDKLIRDGRVIRGYIGIGGREIAPLHAQGGGIDQLQ
GIVVNEVSPDGPAANAGIQVNDLIISVDNKPAISALETMDQVAEIRPGSVIPVVVMRDDKQLTLQVTIQEYPATN
;
A,B,C
2 'polypeptide(L)' DNRLGLVYQF P,Q,R
#
# COMPACT_ATOMS: atom_id res chain seq x y z
N GLY A 1 3.83 11.61 24.02
CA GLY A 1 2.90 11.46 25.12
C GLY A 1 2.77 10.03 25.61
N PRO A 2 1.91 9.81 26.61
CA PRO A 2 1.70 8.45 27.12
C PRO A 2 0.78 7.62 26.24
N THR A 3 0.21 8.19 25.18
CA THR A 3 -0.70 7.50 24.29
C THR A 3 -0.15 7.51 22.87
N PRO A 4 0.07 6.36 22.26
CA PRO A 4 0.60 6.33 20.88
C PRO A 4 -0.41 6.88 19.89
N ALA A 5 0.10 7.40 18.77
CA ALA A 5 -0.75 7.84 17.69
C ALA A 5 -1.61 6.68 17.21
N SER A 6 -2.91 6.94 17.03
CA SER A 6 -3.83 5.85 16.75
C SER A 6 -5.11 6.40 16.12
N TYR A 7 -5.74 5.55 15.31
CA TYR A 7 -7.08 5.80 14.79
C TYR A 7 -8.10 4.86 15.41
N ASN A 8 -7.82 4.39 16.64
CA ASN A 8 -8.72 3.45 17.29
C ASN A 8 -10.06 4.09 17.62
N LEU A 9 -10.10 5.41 17.81
CA LEU A 9 -11.38 6.08 18.05
C LEU A 9 -12.31 5.90 16.85
N ALA A 10 -11.79 6.08 15.63
CA ALA A 10 -12.63 5.91 14.45
C ALA A 10 -13.05 4.46 14.28
N VAL A 11 -12.17 3.51 14.61
CA VAL A 11 -12.54 2.10 14.57
C VAL A 11 -13.72 1.82 15.50
N ARG A 12 -13.60 2.25 16.76
CA ARG A 12 -14.65 1.97 17.73
C ARG A 12 -15.97 2.60 17.34
N ARG A 13 -15.93 3.77 16.69
CA ARG A 13 -17.17 4.43 16.30
C ARG A 13 -17.83 3.74 15.12
N ALA A 14 -17.02 3.27 14.16
CA ALA A 14 -17.54 2.86 12.86
C ALA A 14 -17.48 1.37 12.60
N ALA A 15 -16.46 0.68 13.10
CA ALA A 15 -16.28 -0.73 12.78
C ALA A 15 -17.47 -1.62 13.18
N PRO A 16 -18.14 -1.42 14.32
CA PRO A 16 -19.27 -2.32 14.66
C PRO A 16 -20.38 -2.32 13.61
N ALA A 17 -20.54 -1.23 12.86
CA ALA A 17 -21.59 -1.12 11.86
C ALA A 17 -21.24 -1.74 10.52
N VAL A 18 -20.04 -2.28 10.35
CA VAL A 18 -19.62 -2.87 9.08
C VAL A 18 -19.74 -4.38 9.19
N VAL A 19 -20.53 -4.98 8.31
CA VAL A 19 -20.87 -6.39 8.41
C VAL A 19 -20.13 -7.18 7.34
N ASN A 20 -20.04 -8.48 7.56
CA ASN A 20 -19.57 -9.44 6.56
C ASN A 20 -20.78 -10.03 5.85
N VAL A 21 -20.75 -10.04 4.52
CA VAL A 21 -21.85 -10.52 3.71
C VAL A 21 -21.47 -11.89 3.14
N TYR A 22 -22.37 -12.84 3.26
CA TYR A 22 -22.13 -14.19 2.78
C TYR A 22 -23.33 -14.67 1.97
N ASN A 23 -23.10 -15.70 1.16
CA ASN A 23 -24.15 -16.46 0.51
C ASN A 23 -24.20 -17.84 1.13
N ARG A 24 -25.41 -18.31 1.41
CA ARG A 24 -25.63 -19.65 1.93
C ARG A 24 -26.20 -20.50 0.80
N GLY A 25 -25.42 -21.48 0.33
CA GLY A 25 -25.85 -22.30 -0.78
C GLY A 25 -25.32 -23.71 -0.79
N LEU A 26 -25.55 -24.42 -1.89
CA LEU A 26 -25.01 -25.76 -2.09
C LEU A 26 -24.29 -25.83 -3.42
N GLN A 33 -21.69 -30.10 1.48
CA GLN A 33 -23.14 -29.96 1.42
C GLN A 33 -23.54 -28.48 1.49
N LEU A 34 -23.46 -27.88 2.66
CA LEU A 34 -23.76 -26.46 2.82
C LEU A 34 -22.49 -25.65 2.62
N GLU A 35 -22.49 -24.81 1.59
CA GLU A 35 -21.34 -23.97 1.25
C GLU A 35 -21.68 -22.53 1.58
N ILE A 36 -21.01 -21.99 2.60
CA ILE A 36 -21.18 -20.60 3.01
C ILE A 36 -20.04 -19.81 2.35
N ARG A 37 -20.35 -19.13 1.26
CA ARG A 37 -19.36 -18.48 0.43
C ARG A 37 -19.32 -16.98 0.72
N THR A 38 -18.15 -16.47 1.04
CA THR A 38 -18.01 -15.05 1.35
C THR A 38 -18.22 -14.21 0.11
N LEU A 39 -18.96 -13.11 0.25
CA LEU A 39 -19.35 -12.26 -0.87
C LEU A 39 -18.71 -10.88 -0.83
N GLY A 40 -18.45 -10.33 0.34
CA GLY A 40 -17.97 -8.97 0.46
C GLY A 40 -18.33 -8.42 1.83
N SER A 41 -18.54 -7.11 1.89
CA SER A 41 -18.88 -6.42 3.13
C SER A 41 -20.11 -5.55 2.90
N GLY A 42 -20.59 -4.95 3.99
CA GLY A 42 -21.75 -4.08 3.95
C GLY A 42 -21.70 -3.12 5.12
N VAL A 43 -22.58 -2.13 5.09
CA VAL A 43 -22.57 -1.06 6.09
C VAL A 43 -24.00 -0.87 6.59
N ILE A 44 -24.20 -1.04 7.90
CA ILE A 44 -25.50 -0.77 8.49
C ILE A 44 -25.70 0.74 8.57
N MET A 45 -26.73 1.24 7.90
CA MET A 45 -26.90 2.67 7.73
C MET A 45 -27.88 3.31 8.70
N ASP A 46 -28.86 2.57 9.22
CA ASP A 46 -29.76 3.12 10.23
C ASP A 46 -30.28 2.00 11.12
N GLN A 47 -30.91 2.39 12.22
CA GLN A 47 -31.36 1.40 13.21
C GLN A 47 -32.49 0.51 12.70
N ARG A 48 -33.11 0.85 11.56
CA ARG A 48 -34.12 -0.02 10.99
C ARG A 48 -33.54 -1.31 10.44
N GLY A 49 -32.22 -1.36 10.23
CA GLY A 49 -31.60 -2.53 9.67
C GLY A 49 -31.39 -2.49 8.16
N TYR A 50 -31.43 -1.31 7.56
CA TYR A 50 -31.11 -1.17 6.15
C TYR A 50 -29.60 -1.12 5.97
N ILE A 51 -29.08 -1.94 5.06
CA ILE A 51 -27.64 -2.10 4.88
C ILE A 51 -27.29 -1.79 3.43
N ILE A 52 -26.23 -1.00 3.23
CA ILE A 52 -25.69 -0.69 1.92
C ILE A 52 -24.54 -1.65 1.61
N THR A 53 -24.53 -2.17 0.38
CA THR A 53 -23.40 -2.89 -0.15
C THR A 53 -23.33 -2.59 -1.64
N ASN A 54 -22.37 -3.23 -2.33
CA ASN A 54 -22.33 -3.13 -3.78
C ASN A 54 -23.30 -4.14 -4.40
N LYS A 55 -23.88 -3.75 -5.54
CA LYS A 55 -24.73 -4.69 -6.27
C LYS A 55 -23.95 -5.92 -6.69
N HIS A 56 -22.67 -5.75 -7.06
CA HIS A 56 -21.87 -6.88 -7.49
C HIS A 56 -21.51 -7.82 -6.35
N VAL A 57 -21.74 -7.41 -5.10
CA VAL A 57 -21.50 -8.32 -3.97
C VAL A 57 -22.61 -9.36 -3.87
N ILE A 58 -23.86 -8.94 -4.10
CA ILE A 58 -25.02 -9.78 -3.84
C ILE A 58 -25.69 -10.27 -5.12
N ASN A 59 -25.21 -9.85 -6.29
CA ASN A 59 -25.93 -10.11 -7.54
C ASN A 59 -26.10 -11.60 -7.83
N ASP A 60 -25.28 -12.47 -7.24
CA ASP A 60 -25.36 -13.90 -7.50
C ASP A 60 -25.97 -14.69 -6.36
N ALA A 61 -26.33 -14.04 -5.25
CA ALA A 61 -26.64 -14.74 -4.02
C ALA A 61 -28.00 -15.42 -4.07
N ASP A 62 -28.01 -16.72 -3.73
CA ASP A 62 -29.28 -17.40 -3.47
C ASP A 62 -29.90 -16.90 -2.19
N GLN A 63 -29.10 -16.75 -1.14
CA GLN A 63 -29.59 -16.38 0.18
C GLN A 63 -28.50 -15.58 0.88
N ILE A 64 -28.80 -14.31 1.17
CA ILE A 64 -27.79 -13.39 1.68
C ILE A 64 -27.75 -13.49 3.20
N ILE A 65 -26.58 -13.85 3.73
CA ILE A 65 -26.34 -13.91 5.16
C ILE A 65 -25.47 -12.72 5.56
N VAL A 66 -25.84 -12.06 6.65
CA VAL A 66 -25.14 -10.88 7.14
C VAL A 66 -24.66 -11.18 8.54
N ALA A 67 -23.35 -11.05 8.77
CA ALA A 67 -22.73 -11.34 10.05
C ALA A 67 -22.17 -10.05 10.65
N LEU A 68 -22.53 -9.78 11.91
CA LEU A 68 -22.07 -8.61 12.63
C LEU A 68 -20.81 -8.92 13.42
N GLN A 69 -20.08 -7.86 13.78
CA GLN A 69 -18.85 -8.03 14.55
C GLN A 69 -19.14 -8.56 15.96
N ASP A 70 -20.32 -8.28 16.50
CA ASP A 70 -20.66 -8.75 17.83
C ASP A 70 -21.10 -10.21 17.86
N GLY A 71 -21.19 -10.87 16.71
CA GLY A 71 -21.52 -12.27 16.63
C GLY A 71 -22.88 -12.57 16.03
N ARG A 72 -23.79 -11.60 16.01
CA ARG A 72 -25.13 -11.85 15.49
C ARG A 72 -25.09 -12.12 14.00
N VAL A 73 -25.91 -13.07 13.55
CA VAL A 73 -26.00 -13.46 12.15
C VAL A 73 -27.46 -13.37 11.72
N PHE A 74 -27.69 -12.82 10.53
CA PHE A 74 -29.03 -12.62 10.02
C PHE A 74 -29.13 -13.06 8.57
N GLU A 75 -30.33 -13.49 8.19
CA GLU A 75 -30.70 -13.58 6.79
C GLU A 75 -31.15 -12.19 6.34
N ALA A 76 -30.65 -11.75 5.19
CA ALA A 76 -30.93 -10.41 4.68
C ALA A 76 -31.86 -10.49 3.49
N LEU A 77 -32.78 -9.52 3.40
CA LEU A 77 -33.64 -9.37 2.24
C LEU A 77 -33.05 -8.33 1.31
N LEU A 78 -33.12 -8.60 0.01
CA LEU A 78 -32.66 -7.65 -1.00
C LEU A 78 -33.75 -6.62 -1.24
N VAL A 79 -33.54 -5.40 -0.74
CA VAL A 79 -34.50 -4.33 -0.98
C VAL A 79 -34.41 -3.85 -2.43
N GLY A 80 -33.22 -3.85 -3.00
CA GLY A 80 -33.05 -3.38 -4.36
C GLY A 80 -31.59 -3.14 -4.68
N SER A 81 -31.34 -2.93 -5.97
CA SER A 81 -29.99 -2.71 -6.45
C SER A 81 -30.05 -1.78 -7.65
N ASP A 82 -28.90 -1.23 -8.00
CA ASP A 82 -28.78 -0.29 -9.11
C ASP A 82 -27.45 -0.52 -9.81
N SER A 83 -27.51 -0.93 -11.08
CA SER A 83 -26.30 -1.30 -11.79
C SER A 83 -25.46 -0.09 -12.19
N LEU A 84 -26.11 1.06 -12.44
CA LEU A 84 -25.36 2.24 -12.86
C LEU A 84 -24.44 2.75 -11.77
N THR A 85 -24.79 2.55 -10.51
CA THR A 85 -23.93 2.94 -9.40
C THR A 85 -23.32 1.75 -8.68
N ASP A 86 -23.65 0.53 -9.08
CA ASP A 86 -23.18 -0.69 -8.42
C ASP A 86 -23.49 -0.64 -6.93
N LEU A 87 -24.72 -0.24 -6.60
CA LEU A 87 -25.17 -0.14 -5.23
C LEU A 87 -26.36 -1.06 -4.99
N ALA A 88 -26.45 -1.58 -3.76
CA ALA A 88 -27.53 -2.48 -3.38
C ALA A 88 -27.87 -2.23 -1.92
N VAL A 89 -29.16 -2.37 -1.60
CA VAL A 89 -29.66 -2.14 -0.24
C VAL A 89 -30.25 -3.45 0.26
N LEU A 90 -29.74 -3.92 1.39
CA LEU A 90 -30.29 -5.07 2.09
C LEU A 90 -31.07 -4.62 3.32
N LYS A 91 -31.91 -5.52 3.82
CA LYS A 91 -32.68 -5.26 5.03
C LYS A 91 -32.64 -6.48 5.93
N ILE A 92 -32.29 -6.27 7.20
CA ILE A 92 -32.36 -7.31 8.21
C ILE A 92 -33.38 -6.88 9.26
N ASN A 93 -33.91 -7.87 9.96
CA ASN A 93 -34.90 -7.67 11.02
C ASN A 93 -34.26 -8.14 12.32
N ALA A 94 -33.64 -7.20 13.04
CA ALA A 94 -32.93 -7.49 14.28
C ALA A 94 -33.73 -7.01 15.48
N THR A 95 -33.41 -7.59 16.64
CA THR A 95 -34.04 -7.24 17.90
C THR A 95 -32.95 -6.85 18.90
N GLY A 96 -33.27 -5.89 19.76
CA GLY A 96 -32.29 -5.45 20.73
C GLY A 96 -31.27 -4.46 20.21
N GLY A 97 -31.54 -3.79 19.10
CA GLY A 97 -30.65 -2.70 18.71
C GLY A 97 -29.57 -3.12 17.74
N LEU A 98 -29.13 -2.15 16.94
CA LEU A 98 -28.12 -2.35 15.91
C LEU A 98 -27.12 -1.21 15.94
N PRO A 99 -25.83 -1.50 15.79
CA PRO A 99 -24.86 -0.43 15.54
C PRO A 99 -25.16 0.24 14.20
N THR A 100 -24.87 1.54 14.12
CA THR A 100 -25.02 2.29 12.89
C THR A 100 -23.74 3.05 12.60
N ILE A 101 -23.49 3.27 11.31
CA ILE A 101 -22.27 3.95 10.88
C ILE A 101 -22.45 5.45 11.10
N PRO A 102 -21.45 6.15 11.64
CA PRO A 102 -21.55 7.61 11.77
C PRO A 102 -21.61 8.27 10.40
N ILE A 103 -22.49 9.26 10.28
CA ILE A 103 -22.63 10.04 9.06
C ILE A 103 -22.71 11.51 9.42
N ASN A 104 -21.85 12.31 8.80
CA ASN A 104 -21.92 13.77 8.87
C ASN A 104 -22.31 14.25 7.49
N ALA A 105 -23.60 14.57 7.32
CA ALA A 105 -24.10 15.02 6.02
C ALA A 105 -23.45 16.33 5.58
N ARG A 106 -22.82 17.06 6.50
CA ARG A 106 -22.19 18.33 6.19
C ARG A 106 -20.70 18.23 5.95
N ARG A 107 -20.08 17.08 6.24
CA ARG A 107 -18.65 16.94 6.02
C ARG A 107 -18.36 16.86 4.52
N VAL A 108 -17.41 17.66 4.07
CA VAL A 108 -16.93 17.63 2.68
C VAL A 108 -15.65 16.80 2.65
N PRO A 109 -15.61 15.68 1.93
CA PRO A 109 -14.35 14.93 1.82
C PRO A 109 -13.32 15.72 1.05
N HIS A 110 -12.11 15.80 1.60
CA HIS A 110 -11.02 16.55 0.98
C HIS A 110 -9.86 15.61 0.64
N ILE A 111 -9.29 15.82 -0.54
CA ILE A 111 -8.08 15.11 -0.93
C ILE A 111 -7.02 15.30 0.16
N GLY A 112 -6.45 14.19 0.62
CA GLY A 112 -5.48 14.20 1.69
C GLY A 112 -6.03 13.79 3.04
N ASP A 113 -7.35 13.80 3.22
CA ASP A 113 -7.94 13.33 4.48
C ASP A 113 -7.52 11.90 4.76
N VAL A 114 -7.07 11.65 5.99
CA VAL A 114 -6.77 10.28 6.40
C VAL A 114 -8.07 9.47 6.44
N VAL A 115 -8.03 8.26 5.88
CA VAL A 115 -9.21 7.41 5.85
C VAL A 115 -8.84 5.99 6.22
N LEU A 116 -9.82 5.27 6.75
CA LEU A 116 -9.69 3.85 7.08
C LEU A 116 -10.64 3.04 6.22
N ALA A 117 -10.13 1.96 5.64
CA ALA A 117 -10.98 1.02 4.93
C ALA A 117 -11.35 -0.12 5.89
N ILE A 118 -12.65 -0.41 5.97
CA ILE A 118 -13.17 -1.43 6.86
C ILE A 118 -13.95 -2.43 6.02
N GLY A 119 -13.46 -3.66 5.96
CA GLY A 119 -14.15 -4.73 5.28
C GLY A 119 -13.62 -6.07 5.72
N ASN A 120 -14.01 -7.10 4.96
CA ASN A 120 -13.66 -8.49 5.25
C ASN A 120 -12.90 -9.06 4.05
N PRO A 121 -11.59 -8.81 3.97
CA PRO A 121 -10.82 -9.27 2.81
C PRO A 121 -10.43 -10.74 2.97
N TYR A 122 -10.65 -11.52 1.91
CA TYR A 122 -10.26 -12.93 1.86
C TYR A 122 -10.83 -13.73 3.03
N ASN A 123 -11.96 -13.26 3.57
CA ASN A 123 -12.62 -13.90 4.71
C ASN A 123 -11.68 -14.09 5.90
N LEU A 124 -10.67 -13.22 6.01
CA LEU A 124 -9.81 -13.24 7.19
C LEU A 124 -10.52 -12.73 8.44
N GLY A 125 -11.68 -12.12 8.29
CA GLY A 125 -12.29 -11.36 9.35
C GLY A 125 -12.09 -9.86 9.13
N GLN A 126 -12.94 -9.07 9.79
CA GLN A 126 -12.94 -7.63 9.57
C GLN A 126 -11.54 -7.05 9.72
N THR A 127 -11.14 -6.27 8.73
CA THR A 127 -9.80 -5.70 8.66
C THR A 127 -9.89 -4.20 8.50
N ILE A 128 -9.02 -3.49 9.22
CA ILE A 128 -8.90 -2.03 9.11
C ILE A 128 -7.58 -1.72 8.41
N THR A 129 -7.66 -0.99 7.30
CA THR A 129 -6.47 -0.50 6.61
C THR A 129 -6.54 1.02 6.53
N GLN A 130 -5.37 1.65 6.40
CA GLN A 130 -5.27 3.10 6.49
C GLN A 130 -4.57 3.68 5.26
N GLY A 131 -5.12 4.76 4.75
CA GLY A 131 -4.50 5.52 3.68
C GLY A 131 -5.02 6.93 3.74
N ILE A 132 -5.11 7.57 2.58
CA ILE A 132 -5.67 8.91 2.45
C ILE A 132 -6.62 8.92 1.25
N ILE A 133 -7.41 9.98 1.18
CA ILE A 133 -8.19 10.24 -0.01
C ILE A 133 -7.25 10.72 -1.12
N SER A 134 -7.17 9.95 -2.20
CA SER A 134 -6.19 10.19 -3.26
C SER A 134 -6.68 11.17 -4.31
N ALA A 135 -7.97 11.17 -4.61
CA ALA A 135 -8.57 12.08 -5.59
C ALA A 135 -10.08 12.00 -5.42
N THR A 136 -10.79 12.90 -6.11
CA THR A 136 -12.25 12.89 -6.14
C THR A 136 -12.72 13.03 -7.58
N GLY A 137 -14.01 12.78 -7.78
CA GLY A 137 -14.59 12.86 -9.11
C GLY A 137 -14.05 11.85 -10.10
N ARG A 138 -13.46 10.76 -9.62
CA ARG A 138 -12.81 9.79 -10.51
C ARG A 138 -13.86 8.93 -11.21
N ILE A 139 -13.78 8.89 -12.55
CA ILE A 139 -14.67 8.05 -13.34
C ILE A 139 -14.53 6.59 -12.95
N GLY A 140 -13.33 6.18 -12.52
CA GLY A 140 -13.10 4.82 -12.05
C GLY A 140 -12.34 3.96 -13.05
N LEU A 141 -12.66 2.66 -13.08
CA LEU A 141 -12.07 1.76 -14.06
C LEU A 141 -13.00 1.51 -15.24
N ASN A 142 -14.30 1.58 -15.01
CA ASN A 142 -15.29 1.48 -16.08
C ASN A 142 -15.94 2.85 -16.26
N PRO A 143 -15.87 3.45 -17.45
CA PRO A 143 -16.35 4.82 -17.61
C PRO A 143 -17.86 4.96 -17.57
N THR A 144 -18.52 4.32 -16.60
CA THR A 144 -19.94 4.57 -16.40
C THR A 144 -20.21 6.02 -16.05
N GLY A 145 -19.24 6.69 -15.42
CA GLY A 145 -19.37 8.11 -15.16
C GLY A 145 -20.55 8.50 -14.31
N ARG A 146 -21.07 7.57 -13.51
CA ARG A 146 -22.21 7.84 -12.65
C ARG A 146 -21.93 7.47 -11.19
N GLN A 147 -20.69 7.11 -10.86
CA GLN A 147 -20.33 6.74 -9.51
C GLN A 147 -19.54 7.82 -8.78
N ASN A 148 -18.86 8.71 -9.50
CA ASN A 148 -18.19 9.87 -8.90
C ASN A 148 -17.21 9.45 -7.82
N PHE A 149 -16.37 8.47 -8.14
CA PHE A 149 -15.57 7.77 -7.15
C PHE A 149 -14.64 8.70 -6.38
N LEU A 150 -14.54 8.47 -5.08
CA LEU A 150 -13.35 8.86 -4.34
C LEU A 150 -12.27 7.82 -4.59
N GLN A 151 -11.02 8.27 -4.64
CA GLN A 151 -9.88 7.39 -4.80
C GLN A 151 -9.08 7.36 -3.51
N THR A 152 -8.60 6.17 -3.14
CA THR A 152 -7.86 6.03 -1.90
C THR A 152 -6.73 5.02 -2.10
N ASP A 153 -5.69 5.16 -1.27
CA ASP A 153 -4.61 4.18 -1.21
C ASP A 153 -4.67 3.33 0.06
N ALA A 154 -5.74 3.45 0.85
CA ALA A 154 -5.99 2.47 1.90
C ALA A 154 -6.22 1.12 1.26
N SER A 155 -5.43 0.13 1.66
CA SER A 155 -5.39 -1.16 0.96
C SER A 155 -6.77 -1.79 0.87
N ILE A 156 -7.22 -2.00 -0.36
CA ILE A 156 -8.51 -2.61 -0.67
C ILE A 156 -8.25 -3.93 -1.36
N ASN A 157 -8.83 -5.01 -0.82
CA ASN A 157 -8.63 -6.35 -1.36
C ASN A 157 -9.99 -6.99 -1.67
N HIS A 158 -9.94 -8.12 -2.38
CA HIS A 158 -11.13 -8.90 -2.65
C HIS A 158 -11.86 -9.22 -1.35
N GLY A 159 -13.09 -8.73 -1.24
CA GLY A 159 -13.87 -8.83 -0.03
C GLY A 159 -14.12 -7.51 0.66
N ASN A 160 -13.36 -6.47 0.31
CA ASN A 160 -13.63 -5.15 0.86
C ASN A 160 -14.88 -4.52 0.26
N SER A 161 -15.36 -5.01 -0.89
CA SER A 161 -16.47 -4.38 -1.59
C SER A 161 -17.68 -4.26 -0.68
N GLY A 162 -18.36 -3.12 -0.77
CA GLY A 162 -19.49 -2.83 0.08
C GLY A 162 -19.14 -2.36 1.48
N GLY A 163 -17.87 -2.43 1.88
CA GLY A 163 -17.44 -1.97 3.18
C GLY A 163 -17.38 -0.46 3.25
N ALA A 164 -16.85 0.03 4.37
CA ALA A 164 -16.89 1.45 4.69
C ALA A 164 -15.50 2.07 4.60
N LEU A 165 -15.45 3.31 4.08
CA LEU A 165 -14.29 4.16 4.15
C LEU A 165 -14.65 5.34 5.03
N VAL A 166 -13.94 5.50 6.15
CA VAL A 166 -14.27 6.49 7.15
C VAL A 166 -13.07 7.39 7.36
N ASN A 167 -13.32 8.59 7.89
CA ASN A 167 -12.24 9.49 8.23
C ASN A 167 -11.82 9.25 9.69
N SER A 168 -10.94 10.10 10.21
CA SER A 168 -10.37 9.91 11.53
C SER A 168 -11.39 10.07 12.66
N LEU A 169 -12.56 10.63 12.37
CA LEU A 169 -13.64 10.76 13.35
C LEU A 169 -14.66 9.64 13.24
N GLY A 170 -14.42 8.65 12.38
CA GLY A 170 -15.38 7.59 12.14
C GLY A 170 -16.52 7.95 11.23
N GLU A 171 -16.54 9.16 10.68
CA GLU A 171 -17.59 9.56 9.75
C GLU A 171 -17.42 8.84 8.42
N LEU A 172 -18.54 8.46 7.81
CA LEU A 172 -18.52 7.67 6.58
C LEU A 172 -18.15 8.53 5.38
N MET A 173 -17.03 8.22 4.73
CA MET A 173 -16.66 8.91 3.49
C MET A 173 -17.25 8.25 2.26
N GLY A 174 -17.23 6.91 2.21
CA GLY A 174 -17.74 6.23 1.04
C GLY A 174 -17.88 4.74 1.25
N ILE A 175 -18.37 4.08 0.20
CA ILE A 175 -18.55 2.63 0.16
C ILE A 175 -17.48 2.08 -0.77
N ASN A 176 -16.51 1.36 -0.20
CA ASN A 176 -15.43 0.78 -0.99
C ASN A 176 -15.99 -0.18 -2.03
N THR A 177 -15.57 0.00 -3.27
CA THR A 177 -16.20 -0.71 -4.39
C THR A 177 -15.22 -1.47 -5.27
N LEU A 178 -14.07 -0.87 -5.60
CA LEU A 178 -13.24 -1.42 -6.66
C LEU A 178 -11.76 -1.20 -6.35
N SER A 179 -10.93 -2.18 -6.72
CA SER A 179 -9.48 -2.07 -6.66
C SER A 179 -8.91 -2.17 -8.06
N PHE A 180 -7.93 -1.29 -8.35
CA PHE A 180 -7.26 -1.27 -9.64
C PHE A 180 -6.37 -2.51 -9.81
N ASP A 181 -6.54 -3.22 -10.93
CA ASP A 181 -5.71 -4.39 -11.23
CA ASP A 181 -5.64 -4.34 -11.23
C ASP A 181 -5.36 -4.50 -12.72
N LYS A 182 -5.53 -3.43 -13.51
CA LYS A 182 -5.18 -3.48 -14.92
C LYS A 182 -3.69 -3.26 -15.11
N SER A 183 -3.09 -4.02 -16.02
CA SER A 183 -1.65 -3.98 -16.24
C SER A 183 -1.33 -3.23 -17.53
N ASN A 184 -0.29 -2.39 -17.46
CA ASN A 184 0.23 -1.71 -18.64
C ASN A 184 1.33 -2.53 -19.30
N ASP A 185 2.29 -3.03 -18.51
CA ASP A 185 3.43 -3.76 -19.05
C ASP A 185 3.65 -5.09 -18.32
N GLY A 186 2.62 -5.62 -17.67
CA GLY A 186 2.76 -6.84 -16.91
C GLY A 186 3.03 -6.65 -15.43
N GLU A 187 2.88 -5.44 -14.91
CA GLU A 187 3.11 -5.15 -13.51
C GLU A 187 1.80 -5.10 -12.74
N THR A 188 1.91 -4.99 -11.43
CA THR A 188 0.78 -5.00 -10.51
C THR A 188 0.62 -3.63 -9.86
N PRO A 189 -0.52 -2.97 -10.02
CA PRO A 189 -0.71 -1.68 -9.37
C PRO A 189 -0.81 -1.83 -7.86
N GLU A 190 -0.55 -0.73 -7.17
CA GLU A 190 -0.52 -0.73 -5.71
C GLU A 190 -1.23 0.52 -5.19
N GLY A 191 -2.08 0.33 -4.20
CA GLY A 191 -2.71 1.44 -3.49
C GLY A 191 -3.62 2.31 -4.33
N ILE A 192 -4.36 1.71 -5.27
CA ILE A 192 -5.32 2.45 -6.08
C ILE A 192 -6.67 1.76 -5.93
N GLY A 193 -7.56 2.35 -5.14
CA GLY A 193 -8.88 1.81 -4.94
C GLY A 193 -9.91 2.92 -4.94
N PHE A 194 -11.16 2.52 -5.19
CA PHE A 194 -12.23 3.48 -5.41
C PHE A 194 -13.41 3.18 -4.51
N ALA A 195 -13.97 4.23 -3.91
CA ALA A 195 -15.17 4.14 -3.09
C ALA A 195 -16.22 5.10 -3.61
N ILE A 196 -17.48 4.68 -3.54
CA ILE A 196 -18.59 5.55 -3.93
C ILE A 196 -18.80 6.60 -2.84
N PRO A 197 -18.86 7.88 -3.17
CA PRO A 197 -19.02 8.91 -2.12
C PRO A 197 -20.32 8.71 -1.36
N PHE A 198 -20.29 9.07 -0.06
CA PHE A 198 -21.39 8.71 0.82
C PHE A 198 -22.67 9.48 0.50
N GLN A 199 -22.56 10.71 -0.02
CA GLN A 199 -23.76 11.45 -0.40
C GLN A 199 -24.50 10.78 -1.53
N LEU A 200 -23.77 10.16 -2.47
CA LEU A 200 -24.43 9.38 -3.51
C LEU A 200 -24.99 8.08 -2.95
N ALA A 201 -24.23 7.42 -2.07
CA ALA A 201 -24.71 6.20 -1.44
C ALA A 201 -26.02 6.45 -0.69
N THR A 202 -26.07 7.53 0.09
CA THR A 202 -27.28 7.87 0.83
C THR A 202 -28.44 8.17 -0.11
N LYS A 203 -28.19 8.94 -1.17
CA LYS A 203 -29.26 9.31 -2.09
C LYS A 203 -29.86 8.09 -2.78
N ILE A 204 -29.01 7.19 -3.26
CA ILE A 204 -29.48 5.99 -3.95
C ILE A 204 -30.19 5.06 -2.97
N MET A 205 -29.72 4.99 -1.72
CA MET A 205 -30.38 4.15 -0.72
C MET A 205 -31.83 4.54 -0.52
N ASP A 206 -32.09 5.85 -0.37
CA ASP A 206 -33.45 6.31 -0.15
C ASP A 206 -34.34 5.98 -1.34
N LYS A 207 -33.80 6.08 -2.55
CA LYS A 207 -34.59 5.71 -3.73
C LYS A 207 -34.86 4.22 -3.77
N LEU A 208 -33.88 3.40 -3.36
CA LEU A 208 -34.05 1.96 -3.36
C LEU A 208 -35.02 1.52 -2.25
N ILE A 209 -35.06 2.23 -1.14
CA ILE A 209 -36.00 1.86 -0.08
C ILE A 209 -37.42 2.21 -0.48
N ARG A 210 -37.61 3.37 -1.12
CA ARG A 210 -38.96 3.84 -1.40
C ARG A 210 -39.55 3.18 -2.65
N ASP A 211 -38.73 2.99 -3.68
CA ASP A 211 -39.14 2.29 -4.90
C ASP A 211 -38.45 0.93 -4.99
N GLY A 212 -38.88 0.13 -5.96
CA GLY A 212 -38.18 -1.12 -6.18
C GLY A 212 -36.74 -0.95 -6.62
N ARG A 213 -36.38 0.24 -7.08
CA ARG A 213 -35.06 0.52 -7.63
C ARG A 213 -34.94 2.02 -7.89
N VAL A 214 -33.92 2.43 -8.64
CA VAL A 214 -33.71 3.85 -8.94
C VAL A 214 -34.49 4.19 -10.21
N ILE A 215 -35.37 5.17 -10.10
CA ILE A 215 -36.14 5.67 -11.23
C ILE A 215 -35.43 6.90 -11.78
N ARG A 216 -35.06 6.84 -13.06
CA ARG A 216 -34.29 7.89 -13.71
C ARG A 216 -35.02 8.38 -14.95
N GLY A 217 -35.24 9.68 -15.02
CA GLY A 217 -35.59 10.29 -16.29
C GLY A 217 -34.47 10.13 -17.30
N TYR A 218 -34.79 10.36 -18.57
CA TYR A 218 -33.89 9.98 -19.63
C TYR A 218 -34.25 10.73 -20.91
N ILE A 219 -33.24 11.23 -21.61
CA ILE A 219 -33.44 11.96 -22.85
C ILE A 219 -32.84 11.27 -24.05
N GLY A 220 -31.89 10.36 -23.86
CA GLY A 220 -31.31 9.62 -24.96
C GLY A 220 -30.29 10.40 -25.76
N ILE A 221 -29.36 11.07 -25.07
CA ILE A 221 -28.28 11.79 -25.73
C ILE A 221 -26.95 11.35 -25.12
N GLY A 222 -25.95 11.23 -25.99
CA GLY A 222 -24.56 11.17 -25.57
C GLY A 222 -23.95 12.53 -25.81
N GLY A 223 -23.52 13.17 -24.73
CA GLY A 223 -23.04 14.53 -24.81
C GLY A 223 -21.80 14.74 -23.94
N ARG A 224 -21.14 15.85 -24.20
CA ARG A 224 -19.94 16.23 -23.46
C ARG A 224 -19.90 17.75 -23.31
N GLU A 225 -19.24 18.21 -22.26
CA GLU A 225 -19.11 19.64 -22.04
C GLU A 225 -18.11 20.24 -23.03
N ILE A 226 -18.28 21.53 -23.30
CA ILE A 226 -17.34 22.24 -24.16
C ILE A 226 -16.73 23.42 -23.42
N ALA A 227 -15.90 24.18 -24.13
CA ALA A 227 -15.23 25.38 -23.66
C ALA A 227 -14.47 25.95 -24.86
N PRO A 228 -14.22 27.26 -24.91
CA PRO A 228 -13.56 27.83 -26.09
C PRO A 228 -12.08 27.48 -26.18
N LEU A 229 -11.34 28.26 -26.96
CA LEU A 229 -9.91 28.10 -27.08
C LEU A 229 -9.19 29.42 -26.79
N GLY A 233 -4.29 30.87 -24.67
CA GLY A 233 -5.08 31.77 -25.47
C GLY A 233 -6.30 32.31 -24.75
N GLY A 234 -6.55 33.61 -24.91
CA GLY A 234 -7.68 34.22 -24.23
C GLY A 234 -9.01 33.67 -24.68
N GLY A 235 -10.00 33.80 -23.81
CA GLY A 235 -11.34 33.33 -24.10
C GLY A 235 -12.27 34.43 -24.58
N ILE A 236 -12.68 34.36 -25.85
CA ILE A 236 -13.62 35.31 -26.44
C ILE A 236 -14.61 34.54 -27.30
N ASP A 237 -15.79 35.15 -27.50
CA ASP A 237 -16.79 34.69 -28.46
C ASP A 237 -17.53 33.47 -27.92
N GLN A 238 -16.98 32.81 -26.89
CA GLN A 238 -17.38 31.46 -26.50
C GLN A 238 -18.87 31.21 -26.32
N LEU A 239 -19.21 29.92 -26.26
CA LEU A 239 -20.53 29.46 -25.89
C LEU A 239 -20.35 28.29 -24.93
N GLN A 240 -21.15 28.25 -23.88
CA GLN A 240 -21.08 27.21 -22.88
C GLN A 240 -22.29 26.29 -23.01
N GLY A 241 -22.12 25.03 -22.64
CA GLY A 241 -23.21 24.08 -22.65
C GLY A 241 -22.70 22.67 -22.91
N ILE A 242 -23.65 21.80 -23.25
CA ILE A 242 -23.37 20.39 -23.50
C ILE A 242 -23.59 20.13 -24.99
N VAL A 243 -22.54 19.67 -25.67
CA VAL A 243 -22.62 19.38 -27.10
C VAL A 243 -23.11 17.96 -27.28
N VAL A 244 -24.06 17.78 -28.20
CA VAL A 244 -24.65 16.47 -28.45
C VAL A 244 -23.70 15.69 -29.35
N ASN A 245 -23.18 14.58 -28.84
CA ASN A 245 -22.25 13.73 -29.58
C ASN A 245 -22.93 12.56 -30.26
N GLU A 246 -23.99 12.01 -29.66
CA GLU A 246 -24.71 10.88 -30.24
C GLU A 246 -26.15 10.92 -29.74
N VAL A 247 -27.08 10.58 -30.63
CA VAL A 247 -28.50 10.57 -30.32
C VAL A 247 -29.00 9.14 -30.50
N SER A 248 -29.47 8.54 -29.41
CA SER A 248 -29.98 7.17 -29.48
C SER A 248 -31.26 7.14 -30.32
N PRO A 249 -31.34 6.31 -31.34
CA PRO A 249 -32.48 6.36 -32.26
C PRO A 249 -33.78 5.96 -31.58
N ASP A 250 -34.86 6.64 -31.99
CA ASP A 250 -36.18 6.52 -31.38
C ASP A 250 -36.16 6.81 -29.88
N GLY A 251 -35.12 7.49 -29.41
CA GLY A 251 -35.13 8.03 -28.08
C GLY A 251 -35.84 9.37 -28.04
N PRO A 252 -36.06 9.87 -26.82
CA PRO A 252 -36.77 11.16 -26.69
C PRO A 252 -36.10 12.29 -27.46
N ALA A 253 -34.77 12.37 -27.44
CA ALA A 253 -34.08 13.45 -28.14
C ALA A 253 -34.26 13.34 -29.65
N ALA A 254 -34.08 12.13 -30.19
CA ALA A 254 -34.27 11.92 -31.63
C ALA A 254 -35.69 12.26 -32.05
N ASN A 255 -36.68 11.74 -31.34
CA ASN A 255 -38.07 12.03 -31.67
C ASN A 255 -38.37 13.52 -31.58
N ALA A 256 -37.66 14.24 -30.70
CA ALA A 256 -37.83 15.68 -30.57
C ALA A 256 -37.08 16.48 -31.63
N GLY A 257 -36.22 15.82 -32.41
CA GLY A 257 -35.47 16.51 -33.44
C GLY A 257 -34.09 17.00 -33.03
N ILE A 258 -33.59 16.60 -31.87
CA ILE A 258 -32.24 16.96 -31.47
C ILE A 258 -31.24 16.25 -32.38
N GLN A 259 -30.32 17.01 -32.96
CA GLN A 259 -29.37 16.47 -33.92
C GLN A 259 -27.95 16.55 -33.36
N VAL A 260 -27.07 15.76 -33.96
CA VAL A 260 -25.67 15.74 -33.53
C VAL A 260 -25.07 17.12 -33.67
N ASN A 261 -24.22 17.48 -32.71
CA ASN A 261 -23.51 18.76 -32.61
C ASN A 261 -24.43 19.93 -32.28
N ASP A 262 -25.69 19.66 -31.95
CA ASP A 262 -26.46 20.65 -31.22
C ASP A 262 -25.77 20.95 -29.90
N LEU A 263 -25.86 22.20 -29.47
CA LEU A 263 -25.29 22.62 -28.19
C LEU A 263 -26.46 22.87 -27.24
N ILE A 264 -26.72 21.91 -26.36
CA ILE A 264 -27.74 22.09 -25.34
C ILE A 264 -27.32 23.23 -24.43
N ILE A 265 -28.19 24.22 -24.28
CA ILE A 265 -27.93 25.35 -23.39
C ILE A 265 -28.97 25.48 -22.28
N SER A 266 -30.07 24.73 -22.34
CA SER A 266 -31.09 24.82 -21.30
C SER A 266 -31.92 23.54 -21.29
N VAL A 267 -32.11 22.98 -20.10
CA VAL A 267 -32.91 21.77 -19.91
C VAL A 267 -33.93 22.04 -18.82
N ASP A 268 -35.22 21.92 -19.17
CA ASP A 268 -36.32 22.07 -18.21
C ASP A 268 -36.23 23.40 -17.46
N ASN A 269 -36.00 24.47 -18.20
CA ASN A 269 -35.94 25.83 -17.66
C ASN A 269 -34.77 26.04 -16.71
N LYS A 270 -33.69 25.29 -16.92
CA LYS A 270 -32.46 25.49 -16.16
C LYS A 270 -31.29 25.50 -17.13
N PRO A 271 -30.36 26.44 -17.00
CA PRO A 271 -29.22 26.49 -17.92
C PRO A 271 -28.36 25.24 -17.78
N ALA A 272 -27.99 24.66 -18.92
CA ALA A 272 -27.13 23.48 -18.94
C ALA A 272 -25.68 23.96 -18.92
N ILE A 273 -25.08 23.98 -17.74
CA ILE A 273 -23.72 24.46 -17.55
C ILE A 273 -22.73 23.32 -17.42
N SER A 274 -23.06 22.31 -16.61
CA SER A 274 -22.21 21.16 -16.37
C SER A 274 -22.91 19.89 -16.84
N ALA A 275 -22.13 18.98 -17.44
CA ALA A 275 -22.69 17.71 -17.90
C ALA A 275 -23.28 16.94 -16.73
N LEU A 276 -22.54 16.86 -15.63
CA LEU A 276 -22.97 16.07 -14.48
C LEU A 276 -24.21 16.67 -13.84
N GLU A 277 -24.23 17.99 -13.63
CA GLU A 277 -25.42 18.64 -13.09
C GLU A 277 -26.62 18.39 -13.97
N THR A 278 -26.46 18.55 -15.29
CA THR A 278 -27.55 18.28 -16.23
C THR A 278 -27.93 16.81 -16.22
N MET A 279 -26.93 15.92 -16.21
CA MET A 279 -27.21 14.49 -16.10
C MET A 279 -28.05 14.19 -14.86
N ASP A 280 -27.61 14.67 -13.70
CA ASP A 280 -28.35 14.42 -12.47
C ASP A 280 -29.75 15.00 -12.53
N GLN A 281 -29.88 16.21 -13.07
CA GLN A 281 -31.20 16.84 -13.16
C GLN A 281 -32.15 16.00 -14.02
N VAL A 282 -31.66 15.49 -15.16
CA VAL A 282 -32.51 14.69 -16.02
C VAL A 282 -32.96 13.42 -15.31
N ALA A 283 -32.07 12.82 -14.51
CA ALA A 283 -32.45 11.63 -13.76
C ALA A 283 -33.62 11.92 -12.83
N GLU A 284 -33.66 13.12 -12.25
CA GLU A 284 -34.71 13.50 -11.31
C GLU A 284 -36.02 13.88 -11.97
N ILE A 285 -36.03 14.08 -13.29
CA ILE A 285 -37.27 14.38 -14.00
C ILE A 285 -38.14 13.13 -14.04
N ARG A 286 -39.39 13.28 -13.64
CA ARG A 286 -40.32 12.14 -13.59
C ARG A 286 -40.62 11.67 -15.01
N PRO A 287 -40.39 10.38 -15.33
CA PRO A 287 -40.64 9.91 -16.70
C PRO A 287 -42.04 10.24 -17.20
N GLY A 288 -42.13 10.46 -18.51
CA GLY A 288 -43.36 10.91 -19.14
C GLY A 288 -43.54 12.41 -19.16
N SER A 289 -42.74 13.16 -18.40
CA SER A 289 -42.83 14.62 -18.42
C SER A 289 -42.46 15.17 -19.78
N VAL A 290 -43.10 16.28 -20.14
CA VAL A 290 -42.82 17.00 -21.37
C VAL A 290 -42.06 18.27 -20.99
N ILE A 291 -40.80 18.36 -21.41
CA ILE A 291 -39.95 19.47 -20.97
C ILE A 291 -39.41 20.24 -22.18
N PRO A 292 -39.09 21.52 -22.01
CA PRO A 292 -38.38 22.24 -23.07
C PRO A 292 -36.89 21.95 -23.01
N VAL A 293 -36.26 21.95 -24.18
CA VAL A 293 -34.81 21.83 -24.30
C VAL A 293 -34.35 22.82 -25.36
N VAL A 294 -33.65 23.88 -24.94
CA VAL A 294 -33.10 24.84 -25.87
C VAL A 294 -31.73 24.36 -26.34
N VAL A 295 -31.53 24.38 -27.66
CA VAL A 295 -30.24 24.05 -28.23
C VAL A 295 -29.81 25.22 -29.12
N MET A 296 -28.51 25.31 -29.37
CA MET A 296 -27.98 26.19 -30.39
C MET A 296 -27.63 25.35 -31.60
N ARG A 297 -28.17 25.74 -32.76
CA ARG A 297 -27.91 25.06 -34.02
C ARG A 297 -27.60 26.14 -35.05
N ASP A 298 -26.41 26.05 -35.66
CA ASP A 298 -25.89 27.09 -36.54
C ASP A 298 -26.10 28.48 -35.93
N ASP A 299 -25.69 28.62 -34.67
CA ASP A 299 -25.73 29.89 -33.95
C ASP A 299 -27.14 30.49 -33.94
N LYS A 300 -28.16 29.63 -33.92
CA LYS A 300 -29.54 30.05 -33.69
C LYS A 300 -30.13 29.15 -32.61
N GLN A 301 -30.90 29.74 -31.71
CA GLN A 301 -31.52 28.97 -30.64
C GLN A 301 -32.79 28.29 -31.13
N LEU A 302 -32.91 27.00 -30.82
CA LEU A 302 -34.14 26.25 -31.03
C LEU A 302 -34.62 25.69 -29.71
N THR A 303 -35.92 25.78 -29.47
CA THR A 303 -36.55 25.16 -28.31
C THR A 303 -37.27 23.90 -28.77
N LEU A 304 -36.80 22.75 -28.29
CA LEU A 304 -37.38 21.47 -28.65
C LEU A 304 -38.17 20.90 -27.48
N GLN A 305 -39.35 20.36 -27.79
CA GLN A 305 -40.25 19.79 -26.80
C GLN A 305 -39.93 18.29 -26.69
N VAL A 306 -39.43 17.87 -25.53
CA VAL A 306 -38.95 16.51 -25.32
C VAL A 306 -39.87 15.82 -24.32
N THR A 307 -40.21 14.56 -24.62
CA THR A 307 -40.99 13.73 -23.72
C THR A 307 -40.04 12.76 -23.02
N ILE A 308 -39.79 13.02 -21.73
CA ILE A 308 -38.83 12.23 -20.98
C ILE A 308 -39.30 10.78 -20.88
N GLN A 309 -38.38 9.85 -21.14
CA GLN A 309 -38.63 8.43 -20.94
C GLN A 309 -37.95 7.97 -19.67
N GLU A 310 -38.17 6.71 -19.30
CA GLU A 310 -37.43 6.09 -18.21
C GLU A 310 -36.14 5.52 -18.75
N TYR A 311 -35.09 5.59 -17.93
CA TYR A 311 -33.77 5.12 -18.35
C TYR A 311 -33.85 3.65 -18.79
N PRO A 312 -33.26 3.28 -19.92
CA PRO A 312 -33.36 1.91 -20.39
C PRO A 312 -32.64 0.94 -19.46
N ALA A 313 -33.16 -0.29 -19.40
CA ALA A 313 -32.69 -1.28 -18.46
C ALA A 313 -31.41 -1.95 -18.95
N THR A 314 -30.42 -2.04 -18.08
CA THR A 314 -29.17 -2.74 -18.38
C THR A 314 -29.31 -4.21 -18.01
N GLY B 1 10.24 27.43 12.25
CA GLY B 1 8.82 27.51 11.97
C GLY B 1 8.04 26.27 12.37
N PRO B 2 7.13 25.83 11.50
CA PRO B 2 6.36 24.62 11.78
C PRO B 2 7.14 23.37 11.37
N THR B 3 6.65 22.22 11.83
CA THR B 3 7.42 21.01 11.77
C THR B 3 6.73 19.93 10.92
N PRO B 4 7.51 19.11 10.20
CA PRO B 4 6.90 18.03 9.42
C PRO B 4 6.37 16.92 10.32
N ALA B 5 5.17 16.45 10.01
CA ALA B 5 4.64 15.26 10.65
C ALA B 5 5.60 14.09 10.42
N SER B 6 5.92 13.36 11.49
CA SER B 6 7.01 12.40 11.38
C SER B 6 6.93 11.38 12.50
N TYR B 7 7.41 10.18 12.18
CA TYR B 7 7.62 9.12 13.16
C TYR B 7 9.10 8.84 13.37
N ASN B 8 9.93 9.86 13.13
CA ASN B 8 11.37 9.71 13.28
C ASN B 8 11.75 9.40 14.73
N LEU B 9 11.01 9.96 15.69
CA LEU B 9 11.29 9.66 17.09
C LEU B 9 11.22 8.15 17.34
N ALA B 10 10.16 7.50 16.87
CA ALA B 10 10.03 6.06 17.03
C ALA B 10 11.17 5.33 16.32
N VAL B 11 11.59 5.83 15.16
CA VAL B 11 12.71 5.22 14.44
C VAL B 11 13.98 5.34 15.27
N ARG B 12 14.22 6.51 15.88
CA ARG B 12 15.43 6.69 16.66
C ARG B 12 15.43 5.78 17.88
N ARG B 13 14.27 5.58 18.50
CA ARG B 13 14.20 4.76 19.70
C ARG B 13 14.35 3.28 19.40
N ALA B 14 13.82 2.83 18.25
CA ALA B 14 13.65 1.41 18.00
C ALA B 14 14.56 0.83 16.92
N ALA B 15 14.89 1.61 15.89
CA ALA B 15 15.67 1.08 14.78
C ALA B 15 17.06 0.57 15.17
N PRO B 16 17.82 1.21 16.07
CA PRO B 16 19.17 0.70 16.35
C PRO B 16 19.19 -0.71 16.90
N ALA B 17 18.11 -1.19 17.49
CA ALA B 17 18.06 -2.53 18.06
C ALA B 17 17.55 -3.59 17.09
N VAL B 18 17.17 -3.20 15.88
CA VAL B 18 16.75 -4.16 14.86
C VAL B 18 17.95 -4.47 13.97
N VAL B 19 18.23 -5.75 13.80
CA VAL B 19 19.47 -6.21 13.18
C VAL B 19 19.15 -7.03 11.94
N ASN B 20 20.07 -6.99 10.98
CA ASN B 20 19.98 -7.86 9.81
C ASN B 20 20.73 -9.15 10.12
N VAL B 21 20.05 -10.28 9.93
CA VAL B 21 20.64 -11.59 10.22
C VAL B 21 21.06 -12.24 8.91
N TYR B 22 22.29 -12.73 8.87
CA TYR B 22 22.87 -13.33 7.68
C TYR B 22 23.37 -14.74 8.00
N ASN B 23 23.80 -15.43 6.94
CA ASN B 23 24.41 -16.74 7.04
C ASN B 23 25.64 -16.75 6.16
N ARG B 24 26.82 -16.71 6.78
CA ARG B 24 28.08 -16.72 6.04
C ARG B 24 29.19 -17.37 6.84
N THR B 38 21.24 -13.32 2.68
CA THR B 38 20.39 -12.71 3.70
C THR B 38 19.29 -13.68 4.14
N LEU B 39 18.98 -13.66 5.43
CA LEU B 39 17.93 -14.50 6.00
C LEU B 39 16.71 -13.71 6.42
N GLY B 40 16.91 -12.64 7.18
CA GLY B 40 15.79 -11.85 7.69
C GLY B 40 16.29 -10.83 8.68
N SER B 41 15.44 -10.52 9.65
CA SER B 41 15.75 -9.52 10.66
C SER B 41 15.66 -10.10 12.06
N GLY B 42 16.08 -9.31 13.04
CA GLY B 42 16.06 -9.72 14.42
C GLY B 42 15.90 -8.51 15.32
N VAL B 43 15.57 -8.77 16.57
CA VAL B 43 15.30 -7.72 17.55
C VAL B 43 16.14 -7.99 18.81
N ILE B 44 17.06 -7.09 19.12
CA ILE B 44 17.81 -7.18 20.36
C ILE B 44 16.87 -6.85 21.52
N MET B 45 16.68 -7.82 22.41
CA MET B 45 15.67 -7.71 23.47
C MET B 45 16.22 -7.18 24.79
N ASP B 46 17.46 -7.51 25.16
CA ASP B 46 17.99 -7.03 26.43
C ASP B 46 19.50 -6.85 26.36
N GLN B 47 20.05 -6.23 27.41
CA GLN B 47 21.46 -5.87 27.47
C GLN B 47 22.39 -7.07 27.47
N ARG B 48 21.88 -8.29 27.53
CA ARG B 48 22.72 -9.47 27.61
C ARG B 48 23.04 -10.08 26.26
N GLY B 49 22.53 -9.51 25.17
CA GLY B 49 22.83 -10.00 23.85
C GLY B 49 21.81 -10.96 23.27
N TYR B 50 20.63 -11.06 23.88
CA TYR B 50 19.60 -11.96 23.37
C TYR B 50 18.80 -11.28 22.28
N ILE B 51 18.49 -12.04 21.22
CA ILE B 51 17.87 -11.52 20.02
C ILE B 51 16.76 -12.47 19.59
N ILE B 52 15.57 -11.93 19.39
CA ILE B 52 14.43 -12.71 18.88
C ILE B 52 14.41 -12.62 17.36
N THR B 53 14.07 -13.74 16.73
CA THR B 53 13.78 -13.75 15.31
C THR B 53 12.77 -14.86 15.07
N ASN B 54 12.42 -15.07 13.80
CA ASN B 54 11.52 -16.16 13.48
C ASN B 54 12.31 -17.47 13.48
N LYS B 55 11.60 -18.60 13.51
CA LYS B 55 12.30 -19.87 13.38
C LYS B 55 12.71 -20.09 11.94
N HIS B 56 11.79 -19.84 11.00
CA HIS B 56 12.07 -20.08 9.59
C HIS B 56 13.19 -19.21 9.03
N VAL B 57 13.55 -18.10 9.68
CA VAL B 57 14.66 -17.29 9.14
C VAL B 57 16.00 -17.94 9.47
N ILE B 58 16.15 -18.50 10.67
CA ILE B 58 17.41 -19.11 11.06
C ILE B 58 17.44 -20.62 10.82
N ASN B 59 16.32 -21.24 10.49
CA ASN B 59 16.35 -22.58 9.94
C ASN B 59 17.17 -22.59 8.64
N ASP B 60 17.78 -23.73 8.33
CA ASP B 60 18.65 -23.97 7.18
C ASP B 60 20.01 -23.32 7.30
N ALA B 61 20.33 -22.64 8.40
CA ALA B 61 21.52 -21.80 8.48
C ALA B 61 22.70 -22.54 9.09
N ASP B 62 23.90 -22.27 8.56
CA ASP B 62 25.11 -22.93 9.03
C ASP B 62 25.65 -22.29 10.30
N GLN B 63 26.16 -21.06 10.18
CA GLN B 63 26.59 -20.29 11.34
C GLN B 63 26.13 -18.86 11.14
N ILE B 64 25.43 -18.33 12.14
CA ILE B 64 24.59 -17.14 12.00
C ILE B 64 25.37 -15.91 12.46
N ILE B 65 25.22 -14.82 11.71
CA ILE B 65 25.77 -13.53 12.09
C ILE B 65 24.67 -12.48 12.06
N VAL B 66 24.79 -11.49 12.93
CA VAL B 66 23.85 -10.38 13.01
C VAL B 66 24.60 -9.08 12.80
N ALA B 67 23.98 -8.15 12.08
CA ALA B 67 24.60 -6.88 11.73
C ALA B 67 23.78 -5.74 12.31
N LEU B 68 24.44 -4.88 13.08
CA LEU B 68 23.78 -3.75 13.71
C LEU B 68 23.90 -2.50 12.85
N GLN B 69 22.96 -1.57 13.04
CA GLN B 69 22.97 -0.33 12.27
C GLN B 69 24.15 0.56 12.63
N ASP B 70 24.76 0.37 13.81
CA ASP B 70 25.94 1.14 14.16
C ASP B 70 27.21 0.61 13.49
N GLY B 71 27.13 -0.53 12.82
CA GLY B 71 28.23 -1.07 12.05
C GLY B 71 28.81 -2.36 12.57
N ARG B 72 28.53 -2.72 13.82
CA ARG B 72 29.10 -3.91 14.42
C ARG B 72 28.51 -5.18 13.79
N VAL B 73 29.31 -6.25 13.79
CA VAL B 73 28.89 -7.55 13.30
C VAL B 73 29.26 -8.60 14.35
N PHE B 74 28.28 -9.41 14.75
CA PHE B 74 28.50 -10.48 15.71
C PHE B 74 28.06 -11.81 15.12
N GLU B 75 28.75 -12.87 15.53
CA GLU B 75 28.23 -14.21 15.32
C GLU B 75 27.18 -14.50 16.39
N ALA B 76 26.10 -15.15 16.00
CA ALA B 76 24.99 -15.44 16.89
C ALA B 76 24.93 -16.94 17.20
N LEU B 77 24.69 -17.27 18.47
CA LEU B 77 24.46 -18.63 18.90
C LEU B 77 22.96 -18.86 19.04
N LEU B 78 22.46 -19.95 18.48
CA LEU B 78 21.06 -20.30 18.58
C LEU B 78 20.78 -20.85 19.98
N VAL B 79 19.97 -20.13 20.75
CA VAL B 79 19.63 -20.57 22.10
C VAL B 79 18.51 -21.60 22.06
N GLY B 80 17.55 -21.42 21.17
CA GLY B 80 16.43 -22.34 21.05
C GLY B 80 15.41 -21.82 20.07
N SER B 81 14.52 -22.69 19.58
CA SER B 81 13.49 -22.28 18.65
C SER B 81 12.20 -23.03 18.97
N ASP B 82 11.11 -22.51 18.43
CA ASP B 82 9.79 -23.10 18.62
C ASP B 82 9.05 -23.07 17.29
N SER B 83 8.60 -24.25 16.83
CA SER B 83 7.95 -24.32 15.53
C SER B 83 6.51 -23.83 15.59
N LEU B 84 5.80 -24.11 16.69
CA LEU B 84 4.39 -23.77 16.77
C LEU B 84 4.17 -22.27 16.78
N THR B 85 5.15 -21.49 17.24
CA THR B 85 5.07 -20.04 17.18
C THR B 85 5.97 -19.43 16.12
N ASP B 86 6.92 -20.20 15.57
CA ASP B 86 7.88 -19.71 14.59
C ASP B 86 8.78 -18.63 15.19
N LEU B 87 9.28 -18.88 16.40
CA LEU B 87 10.18 -17.98 17.09
C LEU B 87 11.53 -18.66 17.34
N ALA B 88 12.56 -17.85 17.48
CA ALA B 88 13.88 -18.34 17.82
C ALA B 88 14.63 -17.24 18.57
N VAL B 89 15.55 -17.65 19.43
CA VAL B 89 16.32 -16.73 20.26
C VAL B 89 17.79 -16.91 19.95
N LEU B 90 18.45 -15.82 19.58
CA LEU B 90 19.89 -15.80 19.34
C LEU B 90 20.60 -15.15 20.51
N LYS B 91 21.92 -15.34 20.56
CA LYS B 91 22.74 -14.80 21.64
C LYS B 91 24.04 -14.27 21.06
N ILE B 92 24.38 -13.04 21.40
CA ILE B 92 25.65 -12.43 21.01
C ILE B 92 26.36 -11.97 22.27
N ASN B 93 27.68 -11.81 22.16
CA ASN B 93 28.54 -11.45 23.28
C ASN B 93 29.23 -10.13 22.95
N ALA B 94 28.55 -9.02 23.25
CA ALA B 94 29.08 -7.69 23.00
C ALA B 94 29.68 -7.14 24.28
N THR B 95 30.87 -6.55 24.16
CA THR B 95 31.55 -5.94 25.29
C THR B 95 31.25 -4.45 25.43
N GLY B 96 30.70 -3.81 24.41
CA GLY B 96 30.52 -2.37 24.44
C GLY B 96 29.10 -1.90 24.73
N GLY B 97 28.28 -2.77 25.31
CA GLY B 97 26.89 -2.43 25.56
C GLY B 97 26.08 -2.45 24.28
N LEU B 98 24.79 -2.77 24.38
CA LEU B 98 23.95 -2.97 23.22
C LEU B 98 22.75 -2.04 23.24
N PRO B 99 22.21 -1.70 22.07
CA PRO B 99 20.88 -1.09 22.02
C PRO B 99 19.81 -2.17 22.08
N THR B 100 18.72 -1.88 22.79
CA THR B 100 17.65 -2.85 22.96
C THR B 100 16.32 -2.22 22.57
N ILE B 101 15.40 -3.07 22.14
CA ILE B 101 14.06 -2.60 21.77
C ILE B 101 13.35 -2.08 23.02
N PRO B 102 12.63 -0.97 22.95
CA PRO B 102 11.82 -0.56 24.10
C PRO B 102 10.56 -1.42 24.19
N ILE B 103 10.28 -1.87 25.40
CA ILE B 103 9.15 -2.76 25.68
C ILE B 103 8.35 -2.16 26.83
N ASN B 104 7.07 -1.89 26.57
CA ASN B 104 6.16 -1.34 27.57
C ASN B 104 5.13 -2.42 27.88
N ALA B 105 5.28 -3.06 29.04
CA ALA B 105 4.36 -4.12 29.44
C ALA B 105 2.95 -3.60 29.71
N ARG B 106 2.82 -2.31 30.04
CA ARG B 106 1.51 -1.72 30.28
C ARG B 106 0.74 -1.40 28.99
N ARG B 107 1.33 -1.63 27.82
CA ARG B 107 0.73 -1.22 26.57
C ARG B 107 -0.09 -2.35 25.96
N VAL B 108 -1.36 -2.07 25.68
CA VAL B 108 -2.27 -3.02 25.04
C VAL B 108 -2.39 -2.64 23.57
N PRO B 109 -2.01 -3.52 22.64
CA PRO B 109 -2.13 -3.17 21.21
C PRO B 109 -3.57 -3.01 20.77
N HIS B 110 -3.88 -1.87 20.18
CA HIS B 110 -5.24 -1.52 19.79
C HIS B 110 -5.36 -1.41 18.28
N ILE B 111 -6.48 -1.87 17.74
CA ILE B 111 -6.71 -1.80 16.30
C ILE B 111 -6.83 -0.33 15.89
N GLY B 112 -6.07 0.05 14.87
CA GLY B 112 -5.98 1.43 14.44
C GLY B 112 -4.78 2.18 14.94
N ASP B 113 -4.01 1.58 15.86
CA ASP B 113 -2.75 2.16 16.30
C ASP B 113 -1.80 2.27 15.11
N VAL B 114 -1.13 3.43 14.99
CA VAL B 114 -0.10 3.58 13.97
C VAL B 114 1.10 2.73 14.37
N VAL B 115 1.61 1.94 13.42
CA VAL B 115 2.75 1.07 13.67
C VAL B 115 3.76 1.20 12.53
N LEU B 116 5.02 0.93 12.84
CA LEU B 116 6.10 0.94 11.87
C LEU B 116 6.75 -0.44 11.84
N ALA B 117 6.89 -0.99 10.64
CA ALA B 117 7.61 -2.25 10.44
C ALA B 117 9.07 -1.94 10.16
N ILE B 118 9.96 -2.66 10.84
CA ILE B 118 11.40 -2.43 10.77
C ILE B 118 12.07 -3.75 10.42
N GLY B 119 12.76 -3.79 9.29
CA GLY B 119 13.43 -4.99 8.86
C GLY B 119 14.30 -4.74 7.64
N ASN B 120 14.82 -5.84 7.08
CA ASN B 120 15.72 -5.80 5.93
C ASN B 120 15.09 -6.55 4.78
N PRO B 121 14.17 -5.94 4.04
CA PRO B 121 13.53 -6.63 2.91
C PRO B 121 14.43 -6.64 1.69
N TYR B 122 14.54 -7.80 1.05
CA TYR B 122 15.32 -7.99 -0.18
C TYR B 122 16.78 -7.56 -0.01
N ASN B 123 17.28 -7.58 1.23
CA ASN B 123 18.65 -7.18 1.55
C ASN B 123 18.97 -5.80 0.97
N LEU B 124 17.98 -4.91 1.00
CA LEU B 124 18.21 -3.53 0.60
C LEU B 124 18.84 -2.70 1.71
N GLY B 125 18.97 -3.26 2.91
CA GLY B 125 19.24 -2.48 4.11
C GLY B 125 17.98 -2.33 4.93
N GLN B 126 18.15 -1.72 6.10
CA GLN B 126 17.03 -1.54 7.01
C GLN B 126 15.99 -0.59 6.40
N THR B 127 14.72 -1.01 6.46
CA THR B 127 13.61 -0.29 5.84
C THR B 127 12.51 -0.07 6.89
N ILE B 128 11.95 1.12 6.90
CA ILE B 128 10.85 1.48 7.80
C ILE B 128 9.61 1.73 6.98
N THR B 129 8.57 0.94 7.22
CA THR B 129 7.27 1.14 6.57
C THR B 129 6.21 1.42 7.62
N GLN B 130 5.19 2.18 7.24
CA GLN B 130 4.18 2.67 8.17
C GLN B 130 2.80 2.14 7.78
N GLY B 131 2.06 1.73 8.79
CA GLY B 131 0.68 1.29 8.61
C GLY B 131 -0.05 1.44 9.93
N ILE B 132 -1.09 0.62 10.11
CA ILE B 132 -1.81 0.54 11.37
C ILE B 132 -1.98 -0.92 11.75
N ILE B 133 -2.34 -1.15 13.01
CA ILE B 133 -2.82 -2.47 13.41
C ILE B 133 -4.17 -2.70 12.76
N SER B 134 -4.27 -3.75 11.96
CA SER B 134 -5.48 -4.01 11.18
C SER B 134 -6.47 -4.92 11.91
N ALA B 135 -5.97 -5.76 12.80
CA ALA B 135 -6.77 -6.73 13.53
C ALA B 135 -5.88 -7.38 14.58
N THR B 136 -6.51 -8.05 15.54
CA THR B 136 -5.81 -8.76 16.59
C THR B 136 -6.37 -10.17 16.70
N GLY B 137 -5.57 -11.06 17.28
CA GLY B 137 -5.99 -12.44 17.48
C GLY B 137 -6.22 -13.21 16.20
N ARG B 138 -5.38 -13.02 15.20
CA ARG B 138 -5.53 -13.68 13.91
C ARG B 138 -4.70 -14.95 13.84
N ILE B 139 -5.23 -15.95 13.13
CA ILE B 139 -4.50 -17.21 12.97
C ILE B 139 -3.50 -17.13 11.82
N GLY B 140 -3.66 -16.17 10.92
CA GLY B 140 -2.74 -16.01 9.80
C GLY B 140 -3.25 -16.70 8.55
N LEU B 141 -2.37 -17.44 7.88
CA LEU B 141 -2.73 -18.23 6.71
C LEU B 141 -2.99 -19.69 7.05
N ASN B 142 -2.52 -20.14 8.20
CA ASN B 142 -2.74 -21.51 8.66
C ASN B 142 -4.10 -21.60 9.34
N PRO B 143 -5.04 -22.41 8.82
CA PRO B 143 -6.36 -22.50 9.45
C PRO B 143 -6.36 -23.16 10.82
N THR B 144 -5.21 -23.67 11.29
CA THR B 144 -5.06 -24.18 12.65
C THR B 144 -3.81 -23.52 13.23
N GLY B 145 -3.99 -22.59 14.15
CA GLY B 145 -2.85 -21.85 14.64
C GLY B 145 -2.97 -21.22 16.01
N ARG B 146 -1.92 -21.41 16.83
CA ARG B 146 -1.79 -20.74 18.11
C ARG B 146 -0.88 -19.52 18.03
N GLN B 147 -0.72 -18.93 16.84
CA GLN B 147 0.22 -17.84 16.67
C GLN B 147 -0.36 -16.48 17.03
N ASN B 148 -1.70 -16.36 17.11
CA ASN B 148 -2.35 -15.22 17.75
C ASN B 148 -1.95 -13.88 17.13
N PHE B 149 -1.90 -13.84 15.80
CA PHE B 149 -1.28 -12.73 15.09
C PHE B 149 -2.01 -11.41 15.28
N LEU B 150 -1.25 -10.34 15.50
CA LEU B 150 -1.70 -9.02 15.07
C LEU B 150 -1.59 -8.94 13.56
N GLN B 151 -2.53 -8.25 12.93
CA GLN B 151 -2.51 -8.03 11.50
C GLN B 151 -2.24 -6.56 11.22
N THR B 152 -1.38 -6.30 10.24
CA THR B 152 -0.99 -4.93 9.92
C THR B 152 -0.89 -4.74 8.42
N ASP B 153 -1.11 -3.50 7.99
CA ASP B 153 -0.96 -3.12 6.60
C ASP B 153 0.32 -2.33 6.34
N ALA B 154 1.17 -2.16 7.34
CA ALA B 154 2.52 -1.68 7.08
C ALA B 154 3.25 -2.71 6.23
N SER B 155 3.81 -2.25 5.12
CA SER B 155 4.27 -3.15 4.07
C SER B 155 5.33 -4.12 4.60
N ILE B 156 5.05 -5.41 4.44
CA ILE B 156 5.97 -6.49 4.79
C ILE B 156 6.44 -7.14 3.49
N ASN B 157 7.73 -7.45 3.41
CA ASN B 157 8.29 -8.11 2.24
C ASN B 157 9.25 -9.19 2.69
N HIS B 158 9.61 -10.06 1.75
CA HIS B 158 10.61 -11.09 2.00
C HIS B 158 11.89 -10.46 2.54
N GLY B 159 12.24 -10.81 3.77
CA GLY B 159 13.34 -10.20 4.48
C GLY B 159 12.94 -9.43 5.72
N ASN B 160 11.65 -9.09 5.84
CA ASN B 160 11.15 -8.47 7.07
C ASN B 160 10.98 -9.47 8.19
N SER B 161 10.91 -10.77 7.88
CA SER B 161 10.70 -11.79 8.91
C SER B 161 11.69 -11.64 10.04
N GLY B 162 11.20 -11.82 11.27
CA GLY B 162 12.01 -11.62 12.45
C GLY B 162 12.17 -10.20 12.90
N GLY B 163 11.69 -9.22 12.12
CA GLY B 163 11.83 -7.82 12.46
C GLY B 163 10.77 -7.35 13.43
N ALA B 164 10.85 -6.06 13.76
CA ALA B 164 10.07 -5.46 14.82
C ALA B 164 8.96 -4.58 14.28
N LEU B 165 7.80 -4.64 14.95
CA LEU B 165 6.68 -3.75 14.68
C LEU B 165 6.45 -2.92 15.94
N VAL B 166 6.58 -1.60 15.82
CA VAL B 166 6.53 -0.69 16.95
C VAL B 166 5.47 0.37 16.70
N ASN B 167 5.00 0.99 17.78
CA ASN B 167 4.03 2.07 17.70
C ASN B 167 4.76 3.41 17.55
N SER B 168 3.99 4.50 17.61
CA SER B 168 4.56 5.83 17.40
C SER B 168 5.51 6.27 18.50
N LEU B 169 5.52 5.57 19.63
CA LEU B 169 6.46 5.88 20.70
C LEU B 169 7.70 5.00 20.65
N GLY B 170 7.79 4.09 19.68
CA GLY B 170 8.89 3.16 19.58
C GLY B 170 8.70 1.86 20.35
N GLU B 171 7.68 1.76 21.18
CA GLU B 171 7.50 0.57 22.02
C GLU B 171 7.12 -0.64 21.17
N LEU B 172 7.76 -1.77 21.47
CA LEU B 172 7.57 -2.97 20.67
C LEU B 172 6.12 -3.44 20.73
N MET B 173 5.55 -3.70 19.56
CA MET B 173 4.19 -4.21 19.47
C MET B 173 4.11 -5.63 18.93
N GLY B 174 5.15 -6.11 18.26
CA GLY B 174 5.09 -7.43 17.68
C GLY B 174 6.36 -7.74 16.92
N ILE B 175 6.47 -9.01 16.54
CA ILE B 175 7.57 -9.53 15.75
C ILE B 175 7.00 -9.90 14.39
N ASN B 176 7.36 -9.12 13.36
CA ASN B 176 6.84 -9.38 12.02
C ASN B 176 7.29 -10.76 11.55
N THR B 177 6.36 -11.50 10.94
CA THR B 177 6.60 -12.92 10.71
C THR B 177 6.26 -13.36 9.29
N LEU B 178 5.07 -13.02 8.80
CA LEU B 178 4.70 -13.44 7.46
C LEU B 178 3.70 -12.45 6.88
N SER B 179 3.72 -12.34 5.56
CA SER B 179 2.72 -11.61 4.79
C SER B 179 1.84 -12.60 4.03
N PHE B 180 0.75 -12.09 3.50
CA PHE B 180 -0.14 -12.86 2.64
C PHE B 180 0.11 -12.44 1.19
N ASP B 181 0.76 -13.31 0.41
CA ASP B 181 1.22 -12.94 -0.92
C ASP B 181 0.46 -13.58 -2.07
N LYS B 182 -0.20 -14.72 -1.85
CA LYS B 182 -0.91 -15.44 -2.91
C LYS B 182 -2.21 -16.07 -2.38
N SER B 183 -3.34 -15.64 -2.94
CA SER B 183 -4.63 -16.22 -2.58
C SER B 183 -5.42 -16.84 -3.74
N ASN B 184 -6.75 -16.71 -3.65
CA ASN B 184 -7.66 -17.17 -4.71
C ASN B 184 -7.13 -16.78 -6.07
N ASP B 185 -7.26 -17.72 -7.02
CA ASP B 185 -6.59 -17.62 -8.32
C ASP B 185 -5.10 -17.44 -8.01
N GLY B 186 -4.46 -16.35 -8.44
CA GLY B 186 -3.14 -16.00 -7.99
C GLY B 186 -3.13 -14.54 -7.61
N GLU B 187 -4.26 -14.06 -7.10
CA GLU B 187 -4.40 -12.65 -6.76
C GLU B 187 -3.36 -12.25 -5.73
N THR B 188 -2.75 -11.09 -5.94
CA THR B 188 -1.69 -10.61 -5.08
C THR B 188 -2.28 -9.70 -4.01
N PRO B 189 -2.39 -10.14 -2.76
CA PRO B 189 -2.96 -9.28 -1.73
C PRO B 189 -2.08 -8.08 -1.42
N GLU B 190 -2.71 -7.03 -0.93
CA GLU B 190 -2.04 -5.78 -0.61
C GLU B 190 -2.26 -5.44 0.86
N GLY B 191 -1.17 -5.18 1.56
CA GLY B 191 -1.25 -4.69 2.93
C GLY B 191 -1.83 -5.65 3.93
N ILE B 192 -1.47 -6.93 3.84
CA ILE B 192 -1.92 -7.95 4.79
C ILE B 192 -0.67 -8.63 5.32
N GLY B 193 -0.23 -8.22 6.51
CA GLY B 193 0.90 -8.85 7.16
C GLY B 193 0.55 -9.20 8.59
N PHE B 194 1.32 -10.14 9.14
CA PHE B 194 1.06 -10.66 10.48
C PHE B 194 2.31 -10.56 11.32
N ALA B 195 2.14 -10.09 12.56
CA ALA B 195 3.22 -10.01 13.54
C ALA B 195 2.76 -10.67 14.83
N ILE B 196 3.70 -11.32 15.51
CA ILE B 196 3.38 -12.00 16.77
C ILE B 196 3.36 -10.97 17.89
N PRO B 197 2.27 -10.87 18.65
CA PRO B 197 2.19 -9.86 19.72
C PRO B 197 3.36 -9.97 20.68
N PHE B 198 3.80 -8.82 21.19
CA PHE B 198 5.02 -8.78 21.98
C PHE B 198 4.89 -9.51 23.30
N GLN B 199 3.70 -9.49 23.91
CA GLN B 199 3.50 -10.24 25.15
C GLN B 199 3.77 -11.73 24.94
N LEU B 200 3.25 -12.28 23.83
CA LEU B 200 3.52 -13.67 23.52
C LEU B 200 4.99 -13.91 23.19
N ALA B 201 5.58 -13.01 22.40
CA ALA B 201 6.98 -13.19 21.98
C ALA B 201 7.93 -13.14 23.17
N THR B 202 7.65 -12.26 24.14
CA THR B 202 8.53 -12.17 25.30
C THR B 202 8.44 -13.41 26.18
N LYS B 203 7.25 -13.99 26.32
CA LYS B 203 7.12 -15.21 27.12
C LYS B 203 7.87 -16.37 26.46
N ILE B 204 7.72 -16.52 25.14
CA ILE B 204 8.42 -17.59 24.44
C ILE B 204 9.92 -17.41 24.54
N MET B 205 10.39 -16.16 24.48
CA MET B 205 11.82 -15.90 24.63
C MET B 205 12.31 -16.37 26.00
N ASP B 206 11.60 -15.99 27.07
CA ASP B 206 12.01 -16.41 28.40
C ASP B 206 11.97 -17.93 28.55
N LYS B 207 10.92 -18.57 28.02
CA LYS B 207 10.85 -20.02 28.09
C LYS B 207 11.98 -20.68 27.30
N LEU B 208 12.35 -20.10 26.16
CA LEU B 208 13.45 -20.65 25.38
C LEU B 208 14.78 -20.43 26.06
N ILE B 209 14.95 -19.29 26.74
CA ILE B 209 16.25 -18.96 27.31
C ILE B 209 16.59 -19.87 28.49
N ARG B 210 15.59 -20.24 29.29
CA ARG B 210 15.89 -21.10 30.43
C ARG B 210 15.81 -22.59 30.10
N ASP B 211 14.83 -23.01 29.32
CA ASP B 211 14.62 -24.43 29.07
C ASP B 211 15.17 -24.92 27.74
N GLY B 212 15.66 -24.01 26.87
CA GLY B 212 16.14 -24.39 25.55
C GLY B 212 15.06 -24.78 24.56
N ARG B 213 13.87 -25.13 25.03
CA ARG B 213 12.71 -25.38 24.18
C ARG B 213 11.50 -24.76 24.88
N VAL B 214 10.35 -24.83 24.22
CA VAL B 214 9.09 -24.42 24.83
C VAL B 214 8.41 -25.70 25.29
N ILE B 215 8.48 -25.97 26.59
CA ILE B 215 7.86 -27.17 27.14
C ILE B 215 6.35 -26.96 27.18
N ARG B 216 5.62 -27.80 26.45
CA ARG B 216 4.17 -27.74 26.39
C ARG B 216 3.61 -29.13 26.60
N GLY B 217 2.59 -29.25 27.45
CA GLY B 217 1.91 -30.51 27.65
C GLY B 217 0.85 -30.74 26.61
N TYR B 218 0.61 -32.01 26.27
CA TYR B 218 -0.37 -32.29 25.25
C TYR B 218 -1.03 -33.64 25.51
N ILE B 219 -2.16 -33.84 24.83
CA ILE B 219 -2.99 -35.01 25.04
C ILE B 219 -2.87 -36.02 23.89
N GLY B 220 -2.61 -35.56 22.67
CA GLY B 220 -2.43 -36.47 21.55
C GLY B 220 -3.71 -36.85 20.83
N ILE B 221 -4.60 -35.88 20.60
CA ILE B 221 -5.82 -36.13 19.86
C ILE B 221 -5.93 -35.14 18.70
N GLY B 222 -6.68 -35.55 17.67
CA GLY B 222 -7.02 -34.69 16.56
C GLY B 222 -8.52 -34.66 16.38
N GLY B 223 -9.14 -33.48 16.45
CA GLY B 223 -10.57 -33.39 16.61
C GLY B 223 -11.24 -32.39 15.70
N ARG B 224 -12.58 -32.37 15.78
CA ARG B 224 -13.43 -31.42 15.08
C ARG B 224 -14.45 -30.87 16.08
N GLU B 225 -15.10 -29.77 15.72
CA GLU B 225 -16.02 -29.07 16.61
C GLU B 225 -17.46 -29.35 16.18
N ILE B 226 -18.22 -30.01 17.05
CA ILE B 226 -19.63 -30.28 16.79
C ILE B 226 -20.49 -29.54 17.82
N ILE B 236 -34.23 -32.53 22.53
CA ILE B 236 -33.29 -33.54 23.01
C ILE B 236 -31.95 -32.88 23.33
N ASP B 237 -31.52 -31.99 22.42
CA ASP B 237 -30.32 -31.16 22.55
C ASP B 237 -29.02 -31.92 22.29
N GLN B 238 -27.99 -31.19 21.86
CA GLN B 238 -26.62 -31.67 21.76
C GLN B 238 -25.71 -30.56 22.28
N LEU B 239 -24.66 -30.94 23.00
CA LEU B 239 -23.76 -29.98 23.62
C LEU B 239 -22.41 -29.99 22.90
N GLN B 240 -21.79 -28.81 22.81
CA GLN B 240 -20.60 -28.64 21.99
C GLN B 240 -19.45 -29.50 22.50
N GLY B 241 -18.80 -30.21 21.58
CA GLY B 241 -17.69 -31.07 21.94
C GLY B 241 -16.74 -31.27 20.78
N ILE B 242 -15.63 -31.92 21.08
CA ILE B 242 -14.63 -32.30 20.08
C ILE B 242 -14.69 -33.80 19.88
N VAL B 243 -14.62 -34.24 18.62
CA VAL B 243 -14.67 -35.65 18.27
C VAL B 243 -13.29 -36.09 17.79
N VAL B 244 -12.77 -37.16 18.36
CA VAL B 244 -11.45 -37.65 17.95
C VAL B 244 -11.50 -38.14 16.52
N ASN B 245 -10.42 -37.89 15.77
CA ASN B 245 -10.23 -38.50 14.47
C ASN B 245 -8.97 -39.36 14.46
N GLU B 246 -8.01 -39.01 15.32
CA GLU B 246 -6.72 -39.66 15.34
C GLU B 246 -6.12 -39.52 16.74
N VAL B 247 -5.32 -40.50 17.14
CA VAL B 247 -4.62 -40.48 18.41
C VAL B 247 -3.17 -40.89 18.19
N SER B 248 -2.26 -40.24 18.92
CA SER B 248 -0.86 -40.66 18.91
C SER B 248 -0.75 -42.11 19.37
N PRO B 249 0.09 -42.92 18.71
CA PRO B 249 0.12 -44.36 19.06
C PRO B 249 0.48 -44.63 20.51
N ASP B 250 1.62 -44.11 20.98
CA ASP B 250 2.00 -44.19 22.38
C ASP B 250 1.62 -42.93 23.15
N GLY B 251 0.53 -42.27 22.74
CA GLY B 251 0.19 -40.97 23.27
C GLY B 251 -0.56 -41.02 24.58
N PRO B 252 -0.56 -39.89 25.29
CA PRO B 252 -1.29 -39.82 26.57
C PRO B 252 -2.78 -40.14 26.43
N ALA B 253 -3.35 -39.94 25.25
CA ALA B 253 -4.75 -40.21 25.01
C ALA B 253 -5.01 -41.67 24.66
N ALA B 254 -4.19 -42.24 23.77
CA ALA B 254 -4.40 -43.63 23.36
C ALA B 254 -4.22 -44.59 24.54
N ASN B 255 -3.25 -44.30 25.41
CA ASN B 255 -3.02 -45.16 26.56
C ASN B 255 -4.16 -45.07 27.56
N ALA B 256 -4.76 -43.89 27.71
CA ALA B 256 -5.96 -43.77 28.54
C ALA B 256 -7.15 -44.51 27.95
N GLY B 257 -7.06 -44.92 26.69
CA GLY B 257 -8.07 -45.76 26.10
C GLY B 257 -9.14 -45.06 25.29
N ILE B 258 -8.92 -43.83 24.84
CA ILE B 258 -9.87 -43.17 23.96
C ILE B 258 -9.54 -43.52 22.52
N GLN B 259 -10.54 -43.93 21.77
CA GLN B 259 -10.40 -44.31 20.38
C GLN B 259 -11.00 -43.24 19.48
N VAL B 260 -10.76 -43.41 18.18
CA VAL B 260 -11.31 -42.47 17.21
C VAL B 260 -12.83 -42.46 17.30
N ASN B 261 -13.41 -41.26 17.17
CA ASN B 261 -14.84 -40.98 17.13
C ASN B 261 -15.45 -40.82 18.53
N ASP B 262 -14.61 -40.79 19.56
CA ASP B 262 -15.10 -40.40 20.88
C ASP B 262 -15.37 -38.91 20.93
N LEU B 263 -16.36 -38.51 21.72
CA LEU B 263 -16.71 -37.11 21.89
C LEU B 263 -16.14 -36.62 23.22
N ILE B 264 -15.36 -35.54 23.17
CA ILE B 264 -14.66 -35.03 24.34
C ILE B 264 -15.47 -33.87 24.91
N ILE B 265 -15.89 -34.01 26.15
CA ILE B 265 -16.74 -33.02 26.80
C ILE B 265 -15.93 -32.11 27.72
N SER B 266 -15.04 -32.69 28.53
CA SER B 266 -14.25 -31.93 29.48
C SER B 266 -12.79 -32.32 29.41
N VAL B 267 -11.92 -31.37 29.75
CA VAL B 267 -10.50 -31.61 29.93
C VAL B 267 -10.09 -30.91 31.21
N ASP B 268 -9.76 -31.69 32.24
CA ASP B 268 -9.46 -31.16 33.58
C ASP B 268 -10.58 -30.25 34.08
N ASN B 269 -11.82 -30.75 33.95
CA ASN B 269 -13.01 -30.04 34.40
C ASN B 269 -13.15 -28.68 33.71
N LYS B 270 -12.90 -28.66 32.40
CA LYS B 270 -13.12 -27.47 31.58
C LYS B 270 -13.86 -27.92 30.33
N PRO B 271 -15.09 -27.46 30.10
CA PRO B 271 -15.86 -27.95 28.95
C PRO B 271 -15.15 -27.68 27.64
N ALA B 272 -14.98 -28.74 26.84
CA ALA B 272 -14.23 -28.67 25.59
C ALA B 272 -15.19 -28.26 24.48
N ILE B 273 -15.37 -26.95 24.35
CA ILE B 273 -16.28 -26.37 23.37
C ILE B 273 -15.51 -25.68 22.24
N SER B 274 -14.48 -24.92 22.57
CA SER B 274 -13.67 -24.21 21.59
C SER B 274 -12.35 -24.93 21.43
N ALA B 275 -12.11 -25.47 20.23
CA ALA B 275 -10.88 -26.24 19.98
C ALA B 275 -9.64 -25.40 20.28
N LEU B 276 -9.65 -24.13 19.88
CA LEU B 276 -8.49 -23.27 20.15
C LEU B 276 -8.32 -23.02 21.65
N GLU B 277 -9.40 -23.12 22.42
CA GLU B 277 -9.30 -22.83 23.86
C GLU B 277 -8.82 -24.05 24.64
N THR B 278 -9.32 -25.24 24.32
CA THR B 278 -8.78 -26.44 24.96
C THR B 278 -7.35 -26.70 24.51
N MET B 279 -7.03 -26.38 23.25
CA MET B 279 -5.64 -26.41 22.80
C MET B 279 -4.76 -25.55 23.69
N ASP B 280 -5.21 -24.33 23.98
CA ASP B 280 -4.46 -23.44 24.87
C ASP B 280 -4.35 -24.04 26.26
N GLN B 281 -5.47 -24.54 26.80
CA GLN B 281 -5.47 -25.10 28.15
C GLN B 281 -4.50 -26.26 28.27
N VAL B 282 -4.61 -27.24 27.37
CA VAL B 282 -3.78 -28.44 27.45
C VAL B 282 -2.31 -28.08 27.38
N ALA B 283 -1.96 -27.11 26.52
CA ALA B 283 -0.57 -26.70 26.38
C ALA B 283 0.01 -26.19 27.70
N GLU B 284 -0.81 -25.51 28.50
CA GLU B 284 -0.33 -24.96 29.76
C GLU B 284 -0.21 -26.02 30.86
N ILE B 285 -0.86 -27.17 30.69
CA ILE B 285 -0.75 -28.24 31.68
C ILE B 285 0.66 -28.82 31.62
N ARG B 286 1.36 -28.78 32.75
CA ARG B 286 2.73 -29.27 32.78
C ARG B 286 2.75 -30.78 32.57
N PRO B 287 3.69 -31.30 31.77
CA PRO B 287 3.72 -32.74 31.51
C PRO B 287 3.89 -33.54 32.78
N GLY B 288 3.29 -34.73 32.78
CA GLY B 288 3.27 -35.59 33.95
C GLY B 288 2.07 -35.44 34.85
N SER B 289 1.12 -34.58 34.49
CA SER B 289 -0.04 -34.32 35.33
C SER B 289 -1.14 -35.33 35.04
N VAL B 290 -1.75 -35.85 36.10
CA VAL B 290 -2.89 -36.76 35.99
C VAL B 290 -4.16 -35.94 36.09
N ILE B 291 -5.03 -36.05 35.09
CA ILE B 291 -6.21 -35.19 35.01
C ILE B 291 -7.39 -36.01 34.52
N PRO B 292 -8.61 -35.57 34.89
CA PRO B 292 -9.81 -36.19 34.32
C PRO B 292 -10.12 -35.66 32.94
N VAL B 293 -10.70 -36.53 32.12
CA VAL B 293 -11.17 -36.18 30.78
C VAL B 293 -12.52 -36.85 30.57
N VAL B 294 -13.59 -36.06 30.55
CA VAL B 294 -14.94 -36.59 30.35
C VAL B 294 -15.18 -36.77 28.85
N VAL B 295 -15.38 -38.02 28.43
CA VAL B 295 -15.68 -38.30 27.03
C VAL B 295 -17.11 -38.77 26.91
N MET B 296 -17.42 -39.44 25.80
CA MET B 296 -18.73 -40.01 25.56
C MET B 296 -18.63 -41.01 24.42
N ARG B 297 -19.28 -42.15 24.60
CA ARG B 297 -19.48 -43.14 23.55
C ARG B 297 -20.94 -43.58 23.60
N ASP B 298 -21.64 -43.47 22.47
CA ASP B 298 -23.02 -43.90 22.30
C ASP B 298 -23.91 -43.27 23.35
N ASP B 299 -23.73 -41.95 23.52
CA ASP B 299 -24.46 -41.18 24.51
C ASP B 299 -24.35 -41.79 25.92
N LYS B 300 -23.13 -42.14 26.31
CA LYS B 300 -22.83 -42.61 27.64
C LYS B 300 -21.64 -41.81 28.18
N GLN B 301 -21.81 -41.19 29.33
CA GLN B 301 -20.82 -40.28 29.89
C GLN B 301 -19.80 -41.06 30.72
N LEU B 302 -18.52 -40.90 30.38
CA LEU B 302 -17.44 -41.60 31.07
C LEU B 302 -16.32 -40.63 31.41
N THR B 303 -15.95 -40.58 32.69
CA THR B 303 -14.79 -39.81 33.15
C THR B 303 -13.55 -40.69 33.09
N LEU B 304 -12.50 -40.20 32.44
CA LEU B 304 -11.29 -40.99 32.29
C LEU B 304 -10.09 -40.26 32.87
N GLN B 305 -9.05 -41.03 33.19
CA GLN B 305 -7.80 -40.51 33.72
C GLN B 305 -6.75 -40.49 32.62
N VAL B 306 -6.08 -39.36 32.45
CA VAL B 306 -5.06 -39.17 31.44
C VAL B 306 -3.83 -38.55 32.09
N THR B 307 -2.65 -39.06 31.75
CA THR B 307 -1.39 -38.48 32.20
C THR B 307 -0.80 -37.66 31.06
N ILE B 308 -0.76 -36.35 31.24
CA ILE B 308 -0.27 -35.45 30.20
C ILE B 308 1.22 -35.66 30.00
N GLN B 309 1.66 -35.66 28.74
CA GLN B 309 3.07 -35.73 28.37
C GLN B 309 3.48 -34.46 27.64
N GLU B 310 4.77 -34.37 27.34
CA GLU B 310 5.34 -33.21 26.66
C GLU B 310 5.04 -33.25 25.16
N TYR B 311 4.75 -32.08 24.60
CA TYR B 311 4.53 -31.96 23.17
C TYR B 311 5.77 -32.40 22.40
N PRO B 312 5.65 -33.32 21.44
CA PRO B 312 6.82 -33.71 20.65
C PRO B 312 7.15 -32.65 19.60
N ALA B 313 8.42 -32.29 19.52
CA ALA B 313 8.82 -31.20 18.64
C ALA B 313 8.73 -31.62 17.17
N THR B 314 8.92 -30.63 16.30
CA THR B 314 8.97 -30.87 14.86
C THR B 314 10.09 -30.04 14.25
N GLY C 1 -16.66 21.57 15.08
CA GLY C 1 -16.17 20.52 15.95
C GLY C 1 -14.73 20.15 15.70
N PRO C 2 -14.33 18.94 16.10
CA PRO C 2 -12.97 18.48 15.81
C PRO C 2 -12.75 18.35 14.30
N THR C 3 -11.48 18.38 13.90
CA THR C 3 -11.37 18.29 12.46
C THR C 3 -10.70 16.98 12.04
N PRO C 4 -11.13 16.40 10.93
CA PRO C 4 -10.54 15.13 10.47
C PRO C 4 -9.03 15.28 10.24
N ALA C 5 -8.30 14.22 10.58
CA ALA C 5 -6.87 14.18 10.28
C ALA C 5 -6.67 14.29 8.77
N SER C 6 -5.80 15.21 8.35
CA SER C 6 -5.74 15.55 6.95
C SER C 6 -4.36 16.04 6.56
N TYR C 7 -3.93 15.66 5.36
CA TYR C 7 -2.76 16.26 4.71
C TYR C 7 -3.18 17.12 3.54
N ASN C 8 -4.42 17.64 3.59
CA ASN C 8 -4.90 18.51 2.52
C ASN C 8 -4.05 19.76 2.36
N LEU C 9 -3.50 20.28 3.47
CA LEU C 9 -2.67 21.47 3.41
C LEU C 9 -1.47 21.25 2.50
N ALA C 10 -0.77 20.13 2.68
CA ALA C 10 0.36 19.80 1.81
C ALA C 10 -0.10 19.66 0.35
N VAL C 11 -1.26 19.04 0.13
CA VAL C 11 -1.77 18.89 -1.23
C VAL C 11 -2.00 20.26 -1.85
N ARG C 12 -2.69 21.14 -1.13
CA ARG C 12 -3.00 22.45 -1.68
C ARG C 12 -1.74 23.27 -1.95
N ARG C 13 -0.68 23.06 -1.17
CA ARG C 13 0.57 23.78 -1.39
C ARG C 13 1.34 23.22 -2.57
N ALA C 14 1.42 21.89 -2.69
CA ALA C 14 2.35 21.25 -3.61
C ALA C 14 1.71 20.75 -4.90
N ALA C 15 0.51 20.17 -4.81
CA ALA C 15 -0.08 19.52 -5.99
C ALA C 15 -0.23 20.41 -7.21
N PRO C 16 -0.59 21.71 -7.11
CA PRO C 16 -0.68 22.53 -8.34
C PRO C 16 0.61 22.60 -9.13
N ALA C 17 1.75 22.37 -8.52
CA ALA C 17 3.03 22.43 -9.23
C ALA C 17 3.42 21.09 -9.86
N VAL C 18 2.68 20.02 -9.61
CA VAL C 18 2.99 18.72 -10.20
C VAL C 18 2.13 18.57 -11.46
N VAL C 19 2.80 18.35 -12.59
CA VAL C 19 2.16 18.36 -13.89
C VAL C 19 2.14 16.94 -14.45
N ASN C 20 1.23 16.72 -15.40
CA ASN C 20 1.23 15.49 -16.18
C ASN C 20 2.11 15.68 -17.41
N VAL C 21 3.00 14.73 -17.65
CA VAL C 21 3.94 14.78 -18.77
C VAL C 21 3.56 13.67 -19.76
N TYR C 22 3.51 14.02 -21.05
CA TYR C 22 3.15 13.06 -22.09
C TYR C 22 4.25 13.02 -23.14
N ASN C 23 4.80 11.83 -23.35
CA ASN C 23 5.81 11.58 -24.38
C ASN C 23 5.09 11.05 -25.62
N ARG C 24 4.99 11.88 -26.65
CA ARG C 24 4.37 11.51 -27.90
C ARG C 24 5.43 11.32 -28.98
N GLY C 25 5.23 10.32 -29.82
CA GLY C 25 6.15 10.04 -30.90
C GLY C 25 5.42 9.91 -32.22
N LEU C 26 6.15 10.21 -33.29
CA LEU C 26 5.59 10.11 -34.63
C LEU C 26 5.46 8.66 -35.05
N ASN C 27 4.31 8.29 -35.60
CA ASN C 27 4.09 6.94 -36.13
C ASN C 27 4.75 6.87 -37.51
N THR C 28 6.05 6.62 -37.51
CA THR C 28 6.82 6.65 -38.76
C THR C 28 6.41 5.53 -39.71
N ASN C 29 5.92 4.41 -39.18
CA ASN C 29 5.43 3.32 -40.02
C ASN C 29 4.07 3.62 -40.63
N SER C 30 3.38 4.66 -40.15
CA SER C 30 2.11 5.06 -40.73
C SER C 30 2.28 6.36 -41.51
N HIS C 31 1.75 7.47 -40.97
CA HIS C 31 1.83 8.76 -41.65
C HIS C 31 2.22 9.86 -40.68
N ASN C 32 3.10 9.52 -39.73
CA ASN C 32 3.73 10.47 -38.80
C ASN C 32 2.73 11.13 -37.86
N GLN C 33 1.56 10.53 -37.65
CA GLN C 33 0.67 11.01 -36.60
C GLN C 33 1.35 10.85 -35.24
N LEU C 34 1.05 11.77 -34.34
CA LEU C 34 1.65 11.73 -33.01
C LEU C 34 0.84 10.81 -32.10
N GLU C 35 1.51 9.83 -31.50
CA GLU C 35 0.88 8.88 -30.60
C GLU C 35 1.64 8.82 -29.28
N ILE C 36 0.90 8.65 -28.18
CA ILE C 36 1.53 8.52 -26.87
C ILE C 36 2.43 7.29 -26.85
N ARG C 37 3.68 7.49 -26.43
CA ARG C 37 4.61 6.38 -26.21
C ARG C 37 4.82 6.06 -24.75
N THR C 38 4.78 7.06 -23.87
CA THR C 38 4.81 6.85 -22.44
C THR C 38 4.41 8.16 -21.78
N LEU C 39 4.11 8.09 -20.49
CA LEU C 39 3.66 9.25 -19.73
C LEU C 39 4.21 9.17 -18.32
N GLY C 40 4.17 10.30 -17.63
CA GLY C 40 4.64 10.39 -16.27
C GLY C 40 4.24 11.72 -15.66
N SER C 41 5.08 12.25 -14.79
CA SER C 41 4.79 13.49 -14.10
C SER C 41 6.01 14.40 -14.13
N GLY C 42 5.82 15.63 -13.67
CA GLY C 42 6.89 16.59 -13.59
C GLY C 42 6.60 17.58 -12.50
N VAL C 43 7.64 18.35 -12.13
CA VAL C 43 7.56 19.30 -11.03
C VAL C 43 8.06 20.65 -11.52
N ILE C 44 7.19 21.66 -11.49
CA ILE C 44 7.57 23.02 -11.85
C ILE C 44 8.42 23.60 -10.72
N MET C 45 9.65 23.98 -11.05
CA MET C 45 10.62 24.37 -10.02
C MET C 45 10.67 25.88 -9.78
N ASP C 46 10.57 26.71 -10.81
CA ASP C 46 10.57 28.15 -10.60
C ASP C 46 9.71 28.82 -11.68
N GLN C 47 9.61 30.14 -11.58
CA GLN C 47 8.72 30.94 -12.40
C GLN C 47 9.23 31.14 -13.83
N ARG C 48 10.41 30.63 -14.16
CA ARG C 48 10.91 30.72 -15.52
C ARG C 48 10.47 29.55 -16.39
N GLY C 49 9.74 28.59 -15.82
CA GLY C 49 9.19 27.49 -16.59
C GLY C 49 10.04 26.24 -16.63
N TYR C 50 11.02 26.12 -15.74
CA TYR C 50 11.84 24.92 -15.69
C TYR C 50 11.13 23.83 -14.91
N ILE C 51 11.13 22.62 -15.44
CA ILE C 51 10.41 21.49 -14.88
C ILE C 51 11.36 20.31 -14.80
N ILE C 52 11.38 19.63 -13.65
CA ILE C 52 12.15 18.41 -13.50
C ILE C 52 11.23 17.22 -13.73
N THR C 53 11.72 16.24 -14.49
CA THR C 53 11.04 14.97 -14.70
C THR C 53 12.12 13.90 -14.79
N ASN C 54 11.70 12.66 -15.05
CA ASN C 54 12.65 11.58 -15.26
C ASN C 54 13.03 11.53 -16.74
N LYS C 55 14.28 11.10 -17.00
CA LYS C 55 14.73 10.97 -18.37
C LYS C 55 13.94 9.92 -19.13
N HIS C 56 13.64 8.79 -18.48
CA HIS C 56 12.92 7.73 -19.17
C HIS C 56 11.50 8.14 -19.53
N VAL C 57 10.97 9.19 -18.90
CA VAL C 57 9.66 9.69 -19.28
C VAL C 57 9.70 10.33 -20.66
N ILE C 58 10.78 11.08 -20.97
CA ILE C 58 10.80 11.94 -22.14
C ILE C 58 11.76 11.46 -23.21
N ASN C 59 12.36 10.28 -23.05
CA ASN C 59 13.38 9.81 -23.97
C ASN C 59 12.83 9.69 -25.39
N ASP C 60 13.56 10.23 -26.36
CA ASP C 60 13.25 10.11 -27.79
C ASP C 60 11.86 10.65 -28.13
N ALA C 61 11.39 11.62 -27.35
CA ALA C 61 10.08 12.22 -27.61
C ALA C 61 10.15 13.14 -28.82
N ASP C 62 9.16 13.01 -29.71
CA ASP C 62 8.98 14.00 -30.76
C ASP C 62 8.12 15.17 -30.30
N GLN C 63 7.31 14.97 -29.26
CA GLN C 63 6.56 16.07 -28.66
C GLN C 63 6.37 15.77 -27.18
N ILE C 64 6.82 16.70 -26.34
CA ILE C 64 6.61 16.63 -24.90
C ILE C 64 5.49 17.58 -24.55
N ILE C 65 4.38 17.05 -24.05
CA ILE C 65 3.24 17.85 -23.60
C ILE C 65 3.26 17.89 -22.08
N VAL C 66 3.08 19.07 -21.53
CA VAL C 66 3.01 19.28 -20.08
C VAL C 66 1.63 19.82 -19.77
N ALA C 67 0.89 19.13 -18.92
CA ALA C 67 -0.48 19.50 -18.57
C ALA C 67 -0.54 19.82 -17.09
N LEU C 68 -0.99 21.03 -16.77
CA LEU C 68 -1.10 21.48 -15.39
C LEU C 68 -2.46 21.09 -14.84
N GLN C 69 -2.54 21.04 -13.50
CA GLN C 69 -3.81 20.70 -12.87
C GLN C 69 -4.86 21.78 -13.09
N ASP C 70 -4.44 23.03 -13.30
CA ASP C 70 -5.41 24.11 -13.52
C ASP C 70 -5.93 24.18 -14.95
N GLY C 71 -5.48 23.28 -15.84
CA GLY C 71 -6.04 23.18 -17.17
C GLY C 71 -5.12 23.62 -18.29
N ARG C 72 -4.02 24.33 -17.99
CA ARG C 72 -3.14 24.82 -19.03
C ARG C 72 -2.27 23.70 -19.58
N VAL C 73 -2.10 23.68 -20.90
CA VAL C 73 -1.33 22.66 -21.60
C VAL C 73 -0.23 23.34 -22.40
N PHE C 74 0.98 22.79 -22.32
CA PHE C 74 2.16 23.38 -22.96
C PHE C 74 2.90 22.33 -23.77
N GLU C 75 3.48 22.78 -24.88
CA GLU C 75 4.57 22.06 -25.50
C GLU C 75 5.87 22.44 -24.77
N ALA C 76 6.70 21.44 -24.51
CA ALA C 76 7.87 21.62 -23.68
C ALA C 76 9.15 21.43 -24.50
N LEU C 77 10.16 22.22 -24.16
CA LEU C 77 11.49 22.07 -24.72
C LEU C 77 12.33 21.24 -23.75
N LEU C 78 13.04 20.24 -24.28
CA LEU C 78 13.94 19.44 -23.47
C LEU C 78 15.23 20.25 -23.25
N VAL C 79 15.43 20.72 -22.02
CA VAL C 79 16.63 21.48 -21.70
C VAL C 79 17.86 20.57 -21.67
N GLY C 80 17.68 19.35 -21.20
CA GLY C 80 18.78 18.40 -21.10
C GLY C 80 18.35 17.24 -20.24
N SER C 81 19.18 16.20 -20.24
CA SER C 81 18.87 15.01 -19.46
C SER C 81 20.17 14.33 -19.03
N ASP C 82 20.08 13.57 -17.95
CA ASP C 82 21.22 12.89 -17.35
C ASP C 82 20.85 11.43 -17.11
N SER C 83 21.50 10.52 -17.85
CA SER C 83 21.11 9.11 -17.80
C SER C 83 21.48 8.46 -16.47
N LEU C 84 22.50 8.97 -15.78
CA LEU C 84 22.97 8.31 -14.57
C LEU C 84 22.13 8.69 -13.34
N THR C 85 21.48 9.86 -13.37
CA THR C 85 20.48 10.19 -12.35
C THR C 85 19.05 9.94 -12.82
N ASP C 86 18.85 9.61 -14.10
CA ASP C 86 17.52 9.50 -14.70
C ASP C 86 16.71 10.77 -14.47
N LEU C 87 17.39 11.91 -14.53
CA LEU C 87 16.76 13.21 -14.42
C LEU C 87 16.78 13.90 -15.77
N ALA C 88 15.82 14.81 -15.97
CA ALA C 88 15.71 15.58 -17.20
C ALA C 88 14.98 16.87 -16.86
N VAL C 89 15.34 17.94 -17.55
CA VAL C 89 14.79 19.27 -17.30
C VAL C 89 14.05 19.74 -18.53
N LEU C 90 12.82 20.21 -18.35
CA LEU C 90 11.99 20.75 -19.40
C LEU C 90 11.78 22.24 -19.17
N LYS C 91 11.55 22.96 -20.25
CA LYS C 91 11.17 24.36 -20.19
C LYS C 91 9.84 24.55 -20.89
N ILE C 92 8.93 25.27 -20.25
CA ILE C 92 7.71 25.74 -20.86
C ILE C 92 7.74 27.26 -20.82
N ASN C 93 7.13 27.89 -21.81
CA ASN C 93 7.12 29.34 -21.95
C ASN C 93 5.73 29.81 -21.56
N ALA C 94 5.51 29.95 -20.25
CA ALA C 94 4.28 30.50 -19.73
C ALA C 94 4.51 31.95 -19.33
N THR C 95 3.62 32.83 -19.77
CA THR C 95 3.77 34.26 -19.51
C THR C 95 2.92 34.75 -18.36
N GLY C 96 1.89 34.02 -17.97
CA GLY C 96 0.99 34.45 -16.92
C GLY C 96 1.34 33.98 -15.52
N GLY C 97 2.53 33.45 -15.31
CA GLY C 97 2.90 32.93 -14.01
C GLY C 97 2.64 31.44 -13.89
N LEU C 98 3.34 30.82 -12.95
CA LEU C 98 3.30 29.38 -12.79
C LEU C 98 3.20 29.01 -11.33
N PRO C 99 2.58 27.87 -11.01
CA PRO C 99 2.70 27.33 -9.65
C PRO C 99 4.04 26.63 -9.51
N THR C 100 4.74 26.91 -8.42
CA THR C 100 6.05 26.33 -8.17
C THR C 100 5.99 25.47 -6.91
N ILE C 101 6.77 24.41 -6.92
CA ILE C 101 6.79 23.47 -5.79
C ILE C 101 7.42 24.17 -4.58
N PRO C 102 6.89 23.99 -3.36
CA PRO C 102 7.55 24.54 -2.18
C PRO C 102 8.89 23.84 -1.96
N ILE C 103 9.93 24.64 -1.71
CA ILE C 103 11.27 24.12 -1.49
C ILE C 103 11.83 24.76 -0.23
N ASN C 104 12.36 23.94 0.67
CA ASN C 104 13.00 24.38 1.91
C ASN C 104 14.42 23.82 1.92
N ALA C 105 15.38 24.67 1.57
CA ALA C 105 16.79 24.25 1.54
C ALA C 105 17.31 23.77 2.88
N ARG C 106 16.71 24.22 3.98
CA ARG C 106 17.18 23.85 5.31
C ARG C 106 16.62 22.53 5.81
N ARG C 107 15.53 22.05 5.22
CA ARG C 107 14.87 20.85 5.73
C ARG C 107 15.68 19.60 5.39
N VAL C 108 15.96 18.80 6.41
CA VAL C 108 16.73 17.56 6.25
C VAL C 108 15.75 16.40 6.18
N PRO C 109 15.78 15.59 5.12
CA PRO C 109 14.93 14.38 5.08
C PRO C 109 15.25 13.44 6.23
N HIS C 110 14.23 13.12 7.03
CA HIS C 110 14.38 12.21 8.15
C HIS C 110 13.60 10.94 7.89
N ILE C 111 14.21 9.79 8.20
CA ILE C 111 13.51 8.52 8.11
C ILE C 111 12.31 8.56 9.04
N GLY C 112 11.17 8.11 8.54
CA GLY C 112 9.93 8.16 9.28
C GLY C 112 9.09 9.39 9.04
N ASP C 113 9.62 10.41 8.38
CA ASP C 113 8.80 11.56 8.00
C ASP C 113 7.63 11.11 7.14
N VAL C 114 6.47 11.71 7.38
CA VAL C 114 5.32 11.45 6.52
C VAL C 114 5.51 12.14 5.19
N VAL C 115 5.34 11.40 4.09
CA VAL C 115 5.50 11.96 2.75
C VAL C 115 4.29 11.63 1.90
N LEU C 116 4.01 12.52 0.94
CA LEU C 116 2.95 12.34 -0.03
C LEU C 116 3.57 12.25 -1.42
N ALA C 117 3.22 11.21 -2.16
CA ALA C 117 3.61 11.09 -3.55
C ALA C 117 2.51 11.68 -4.41
N ILE C 118 2.91 12.52 -5.38
CA ILE C 118 1.99 13.24 -6.25
C ILE C 118 2.38 12.93 -7.68
N GLY C 119 1.53 12.18 -8.39
CA GLY C 119 1.81 11.82 -9.77
C GLY C 119 0.55 11.55 -10.57
N ASN C 120 0.72 10.96 -11.76
CA ASN C 120 -0.39 10.65 -12.67
C ASN C 120 -0.37 9.16 -13.00
N PRO C 121 -0.63 8.29 -12.02
CA PRO C 121 -0.52 6.85 -12.26
C PRO C 121 -1.58 6.37 -13.24
N TYR C 122 -1.15 5.60 -14.23
CA TYR C 122 -2.03 4.97 -15.23
C TYR C 122 -2.89 6.00 -15.96
N ASN C 123 -2.46 7.26 -15.98
CA ASN C 123 -3.20 8.34 -16.63
C ASN C 123 -4.59 8.52 -16.02
N LEU C 124 -4.75 8.12 -14.75
CA LEU C 124 -6.02 8.31 -14.06
C LEU C 124 -6.30 9.77 -13.72
N GLY C 125 -5.31 10.64 -13.83
CA GLY C 125 -5.38 11.96 -13.23
C GLY C 125 -4.53 12.05 -11.98
N GLN C 126 -4.21 13.27 -11.58
CA GLN C 126 -3.31 13.49 -10.45
C GLN C 126 -3.81 12.72 -9.23
N THR C 127 -2.88 12.03 -8.57
CA THR C 127 -3.20 11.10 -7.50
C THR C 127 -2.25 11.35 -6.34
N ILE C 128 -2.79 11.36 -5.13
CA ILE C 128 -2.01 11.57 -3.91
C ILE C 128 -1.98 10.27 -3.14
N THR C 129 -0.78 9.80 -2.82
CA THR C 129 -0.60 8.61 -2.01
C THR C 129 0.31 8.95 -0.84
N GLN C 130 0.11 8.25 0.28
CA GLN C 130 0.77 8.60 1.54
C GLN C 130 1.64 7.47 2.04
N GLY C 131 2.78 7.82 2.59
CA GLY C 131 3.65 6.85 3.24
C GLY C 131 4.62 7.59 4.12
N ILE C 132 5.78 6.99 4.34
CA ILE C 132 6.86 7.62 5.09
C ILE C 132 8.16 7.47 4.30
N ILE C 133 9.17 8.22 4.72
CA ILE C 133 10.52 7.97 4.25
C ILE C 133 11.02 6.69 4.93
N SER C 134 11.32 5.68 4.12
CA SER C 134 11.69 4.37 4.63
C SER C 134 13.18 4.21 4.87
N ALA C 135 14.00 4.93 4.12
CA ALA C 135 15.45 4.87 4.20
C ALA C 135 15.99 6.06 3.42
N THR C 136 17.26 6.35 3.61
CA THR C 136 17.97 7.35 2.84
C THR C 136 19.20 6.72 2.20
N GLY C 137 19.71 7.39 1.17
CA GLY C 137 20.97 6.99 0.56
C GLY C 137 20.97 5.64 -0.11
N ARG C 138 19.83 5.20 -0.65
CA ARG C 138 19.75 3.91 -1.31
C ARG C 138 20.25 4.00 -2.75
N ILE C 139 20.79 2.88 -3.24
CA ILE C 139 21.19 2.78 -4.64
C ILE C 139 20.09 2.23 -5.51
N GLY C 140 18.96 1.81 -4.92
CA GLY C 140 17.87 1.28 -5.72
C GLY C 140 18.10 -0.17 -6.10
N LEU C 141 17.64 -0.52 -7.30
CA LEU C 141 17.72 -1.89 -7.79
C LEU C 141 18.93 -2.15 -8.67
N ASN C 142 19.45 -1.13 -9.38
CA ASN C 142 20.75 -1.54 -9.90
C ASN C 142 21.86 -1.11 -8.95
N PRO C 143 22.90 -1.94 -8.77
CA PRO C 143 23.90 -1.67 -7.73
C PRO C 143 24.90 -0.55 -8.05
N THR C 144 24.94 0.00 -9.27
CA THR C 144 25.87 1.07 -9.60
C THR C 144 25.08 2.30 -10.05
N GLY C 145 25.28 3.42 -9.34
CA GLY C 145 24.61 4.65 -9.71
C GLY C 145 24.79 5.77 -8.71
N ARG C 146 24.68 7.01 -9.19
CA ARG C 146 24.76 8.20 -8.34
C ARG C 146 23.38 8.75 -8.02
N GLN C 147 22.40 7.88 -7.79
CA GLN C 147 21.04 8.36 -7.59
C GLN C 147 20.72 8.60 -6.12
N ASN C 148 21.41 7.93 -5.20
CA ASN C 148 21.33 8.23 -3.77
C ASN C 148 19.88 8.31 -3.29
N PHE C 149 19.11 7.27 -3.62
CA PHE C 149 17.66 7.33 -3.50
C PHE C 149 17.21 7.50 -2.07
N LEU C 150 16.19 8.35 -1.89
CA LEU C 150 15.28 8.18 -0.77
C LEU C 150 14.40 6.96 -1.06
N GLN C 151 14.08 6.19 -0.01
CA GLN C 151 13.17 5.08 -0.15
C GLN C 151 11.86 5.41 0.57
N THR C 152 10.74 5.02 -0.03
CA THR C 152 9.45 5.36 0.53
C THR C 152 8.44 4.25 0.26
N ASP C 153 7.44 4.16 1.13
CA ASP C 153 6.34 3.22 0.98
C ASP C 153 5.04 3.90 0.57
N ALA C 154 5.08 5.20 0.29
CA ALA C 154 3.96 5.80 -0.43
C ALA C 154 3.82 5.11 -1.78
N SER C 155 2.58 4.78 -2.14
CA SER C 155 2.34 3.91 -3.29
C SER C 155 2.75 4.62 -4.58
N ILE C 156 3.69 4.01 -5.30
CA ILE C 156 4.21 4.52 -6.56
C ILE C 156 3.91 3.51 -7.66
N ASN C 157 3.27 3.97 -8.74
CA ASN C 157 2.91 3.12 -9.86
C ASN C 157 3.44 3.74 -11.15
N HIS C 158 3.22 3.04 -12.26
CA HIS C 158 3.56 3.59 -13.57
C HIS C 158 2.77 4.86 -13.81
N GLY C 159 3.49 5.93 -14.18
CA GLY C 159 2.92 7.26 -14.31
C GLY C 159 3.33 8.21 -13.20
N ASN C 160 3.86 7.71 -12.09
CA ASN C 160 4.36 8.57 -11.03
C ASN C 160 5.77 9.06 -11.29
N SER C 161 6.51 8.42 -12.19
CA SER C 161 7.89 8.78 -12.46
C SER C 161 8.00 10.26 -12.80
N GLY C 162 8.95 10.94 -12.16
CA GLY C 162 9.16 12.35 -12.37
C GLY C 162 8.32 13.27 -11.52
N GLY C 163 7.38 12.72 -10.74
CA GLY C 163 6.54 13.53 -9.89
C GLY C 163 7.19 13.83 -8.55
N ALA C 164 6.44 14.50 -7.69
CA ALA C 164 6.95 15.03 -6.43
C ALA C 164 6.67 14.07 -5.27
N LEU C 165 7.68 13.89 -4.43
CA LEU C 165 7.53 13.35 -3.09
C LEU C 165 7.69 14.51 -2.12
N VAL C 166 6.73 14.66 -1.21
CA VAL C 166 6.54 15.90 -0.48
C VAL C 166 6.17 15.58 0.97
N ASN C 167 6.72 16.35 1.91
CA ASN C 167 6.38 16.11 3.32
C ASN C 167 5.07 16.83 3.67
N SER C 168 4.69 16.77 4.95
CA SER C 168 3.37 17.24 5.37
C SER C 168 3.22 18.75 5.31
N LEU C 169 4.31 19.51 5.13
CA LEU C 169 4.22 20.94 4.96
C LEU C 169 4.11 21.36 3.50
N GLY C 170 4.19 20.40 2.58
CA GLY C 170 4.24 20.72 1.17
C GLY C 170 5.63 20.86 0.60
N GLU C 171 6.67 20.62 1.39
CA GLU C 171 8.04 20.85 0.96
C GLU C 171 8.55 19.68 0.13
N LEU C 172 9.21 20.00 -0.98
CA LEU C 172 9.72 18.99 -1.89
C LEU C 172 10.81 18.18 -1.21
N MET C 173 10.60 16.86 -1.12
CA MET C 173 11.60 15.94 -0.59
C MET C 173 12.37 15.20 -1.68
N GLY C 174 11.74 14.94 -2.83
CA GLY C 174 12.40 14.17 -3.86
C GLY C 174 11.55 14.06 -5.10
N ILE C 175 12.18 13.51 -6.14
CA ILE C 175 11.53 13.26 -7.43
C ILE C 175 11.34 11.76 -7.54
N ASN C 176 10.09 11.31 -7.47
CA ASN C 176 9.79 9.89 -7.56
C ASN C 176 10.25 9.32 -8.90
N THR C 177 11.00 8.22 -8.84
CA THR C 177 11.70 7.70 -10.02
C THR C 177 11.33 6.26 -10.34
N LEU C 178 11.32 5.37 -9.33
CA LEU C 178 11.32 3.95 -9.63
C LEU C 178 10.59 3.16 -8.54
N SER C 179 9.87 2.12 -8.96
CA SER C 179 9.18 1.21 -8.05
C SER C 179 9.73 -0.20 -8.23
N PHE C 180 9.75 -0.95 -7.13
CA PHE C 180 10.27 -2.31 -7.11
C PHE C 180 9.19 -3.27 -7.61
N ASP C 181 9.57 -4.18 -8.52
CA ASP C 181 8.62 -5.20 -8.99
C ASP C 181 9.27 -6.50 -9.46
N LYS C 182 10.50 -6.81 -9.06
CA LYS C 182 11.11 -8.10 -9.32
C LYS C 182 11.27 -8.86 -8.01
N SER C 183 11.49 -10.17 -8.09
CA SER C 183 11.56 -10.96 -6.87
C SER C 183 12.36 -12.23 -7.08
N ASN C 184 12.88 -12.74 -5.98
CA ASN C 184 13.60 -14.01 -5.98
C ASN C 184 12.64 -15.20 -6.03
N ASP C 185 11.76 -15.30 -5.04
CA ASP C 185 10.76 -16.36 -5.00
C ASP C 185 9.45 -15.97 -5.70
N GLY C 186 9.51 -14.98 -6.60
CA GLY C 186 8.33 -14.61 -7.36
C GLY C 186 7.23 -13.91 -6.59
N GLU C 187 7.56 -13.28 -5.47
CA GLU C 187 6.57 -12.51 -4.73
C GLU C 187 6.43 -11.13 -5.33
N THR C 188 5.25 -10.53 -5.17
CA THR C 188 5.45 -9.20 -5.74
C THR C 188 5.72 -8.20 -4.62
N PRO C 189 6.73 -7.34 -4.79
CA PRO C 189 7.08 -6.41 -3.71
C PRO C 189 5.99 -5.38 -3.48
N GLU C 190 5.94 -4.87 -2.25
CA GLU C 190 4.92 -3.92 -1.84
C GLU C 190 5.58 -2.75 -1.12
N GLY C 191 5.18 -1.53 -1.48
CA GLY C 191 5.61 -0.34 -0.77
C GLY C 191 7.10 -0.09 -0.73
N ILE C 192 7.81 -0.43 -1.81
CA ILE C 192 9.23 -0.16 -1.91
C ILE C 192 9.42 0.72 -3.14
N GLY C 193 9.57 2.03 -2.91
CA GLY C 193 9.75 2.98 -3.99
C GLY C 193 10.90 3.93 -3.69
N PHE C 194 11.45 4.51 -4.76
CA PHE C 194 12.66 5.32 -4.65
C PHE C 194 12.45 6.68 -5.28
N ALA C 195 13.02 7.71 -4.65
CA ALA C 195 12.97 9.07 -5.16
C ALA C 195 14.31 9.75 -4.96
N ILE C 196 14.76 10.46 -5.99
CA ILE C 196 15.99 11.25 -5.94
C ILE C 196 15.78 12.39 -4.95
N PRO C 197 16.63 12.54 -3.93
CA PRO C 197 16.43 13.64 -2.98
C PRO C 197 16.49 14.99 -3.68
N PHE C 198 15.73 15.95 -3.13
CA PHE C 198 15.58 17.24 -3.80
C PHE C 198 16.91 17.98 -3.89
N GLN C 199 17.81 17.78 -2.92
CA GLN C 199 19.10 18.46 -2.94
C GLN C 199 19.90 18.07 -4.18
N LEU C 200 19.97 16.77 -4.48
CA LEU C 200 20.66 16.32 -5.68
C LEU C 200 19.87 16.67 -6.93
N ALA C 201 18.53 16.65 -6.84
CA ALA C 201 17.70 16.98 -8.01
C ALA C 201 17.94 18.41 -8.47
N THR C 202 17.93 19.36 -7.52
CA THR C 202 18.16 20.76 -7.90
C THR C 202 19.58 20.97 -8.40
N LYS C 203 20.54 20.22 -7.86
CA LYS C 203 21.92 20.31 -8.31
C LYS C 203 22.06 19.85 -9.76
N ILE C 204 21.41 18.73 -10.12
CA ILE C 204 21.44 18.27 -11.50
C ILE C 204 20.72 19.25 -12.41
N MET C 205 19.62 19.82 -11.92
CA MET C 205 18.85 20.76 -12.76
C MET C 205 19.68 21.98 -13.13
N ASP C 206 20.36 22.58 -12.14
CA ASP C 206 21.16 23.77 -12.41
C ASP C 206 22.28 23.47 -13.38
N LYS C 207 22.87 22.28 -13.29
CA LYS C 207 23.88 21.89 -14.27
C LYS C 207 23.28 21.69 -15.64
N LEU C 208 22.07 21.11 -15.70
CA LEU C 208 21.41 20.89 -16.99
C LEU C 208 21.05 22.21 -17.66
N ILE C 209 20.57 23.19 -16.88
CA ILE C 209 20.26 24.49 -17.46
C ILE C 209 21.53 25.20 -17.90
N ARG C 210 22.59 25.10 -17.09
CA ARG C 210 23.82 25.84 -17.38
C ARG C 210 24.50 25.30 -18.63
N ASP C 211 24.68 23.98 -18.71
CA ASP C 211 25.51 23.38 -19.74
C ASP C 211 24.75 22.52 -20.75
N GLY C 212 23.48 22.24 -20.53
CA GLY C 212 22.75 21.35 -21.41
C GLY C 212 23.01 19.88 -21.18
N ARG C 213 23.95 19.53 -20.30
CA ARG C 213 24.24 18.16 -19.94
C ARG C 213 24.97 18.19 -18.60
N VAL C 214 25.17 17.01 -18.02
CA VAL C 214 25.86 16.89 -16.74
C VAL C 214 27.30 16.50 -17.04
N ILE C 215 28.21 17.45 -16.88
CA ILE C 215 29.63 17.21 -17.13
C ILE C 215 30.23 16.57 -15.89
N ARG C 216 30.82 15.39 -16.06
CA ARG C 216 31.44 14.67 -14.97
C ARG C 216 32.87 14.30 -15.36
N GLY C 217 33.77 14.33 -14.38
CA GLY C 217 35.05 13.70 -14.56
C GLY C 217 34.91 12.19 -14.58
N TYR C 218 35.85 11.54 -15.27
CA TYR C 218 35.74 10.10 -15.45
C TYR C 218 37.11 9.52 -15.76
N ILE C 219 37.44 8.42 -15.09
CA ILE C 219 38.77 7.82 -15.15
C ILE C 219 38.81 6.67 -16.15
N GLY C 220 37.76 5.86 -16.21
CA GLY C 220 37.71 4.76 -17.14
C GLY C 220 38.00 3.41 -16.51
N ILE C 221 37.40 3.13 -15.36
CA ILE C 221 37.66 1.92 -14.60
C ILE C 221 36.33 1.31 -14.14
N GLY C 222 36.43 0.16 -13.49
CA GLY C 222 35.33 -0.46 -12.78
C GLY C 222 35.81 -1.05 -11.47
N GLY C 223 35.34 -0.52 -10.34
CA GLY C 223 35.87 -0.87 -9.05
C GLY C 223 34.84 -1.52 -8.13
N ARG C 224 35.33 -1.91 -6.94
CA ARG C 224 34.51 -2.57 -5.95
C ARG C 224 35.06 -2.30 -4.56
N GLU C 225 34.19 -2.42 -3.56
CA GLU C 225 34.50 -2.18 -2.15
C GLU C 225 35.49 -3.18 -1.58
N ILE C 226 35.69 -3.15 -0.26
CA ILE C 226 36.62 -4.05 0.42
C ILE C 226 35.97 -5.43 0.62
N LEU C 239 43.56 -4.24 4.44
CA LEU C 239 43.97 -3.33 3.37
C LEU C 239 42.76 -2.83 2.60
N GLN C 240 42.06 -1.86 3.17
CA GLN C 240 40.86 -1.31 2.55
C GLN C 240 41.20 -0.42 1.36
N GLY C 241 40.34 -0.45 0.36
CA GLY C 241 40.54 0.37 -0.82
C GLY C 241 39.52 0.05 -1.89
N ILE C 242 39.93 0.22 -3.15
CA ILE C 242 39.13 -0.14 -4.30
C ILE C 242 39.96 -1.02 -5.21
N VAL C 243 39.34 -2.07 -5.75
CA VAL C 243 40.02 -3.01 -6.63
C VAL C 243 39.57 -2.76 -8.06
N VAL C 244 40.52 -2.60 -8.97
CA VAL C 244 40.19 -2.50 -10.38
C VAL C 244 39.72 -3.86 -10.86
N ASN C 245 38.45 -3.94 -11.27
CA ASN C 245 37.91 -5.17 -11.83
C ASN C 245 37.93 -5.18 -13.34
N GLU C 246 37.96 -4.00 -13.96
CA GLU C 246 38.17 -3.85 -15.40
C GLU C 246 38.52 -2.40 -15.67
N VAL C 247 39.21 -2.16 -16.79
CA VAL C 247 39.58 -0.82 -17.21
C VAL C 247 39.17 -0.64 -18.67
N SER C 248 38.45 0.45 -18.95
CA SER C 248 38.06 0.75 -20.31
C SER C 248 39.30 0.92 -21.19
N PRO C 249 39.26 0.46 -22.44
CA PRO C 249 40.51 0.32 -23.21
C PRO C 249 41.21 1.64 -23.53
N ASP C 250 40.46 2.71 -23.79
CA ASP C 250 41.05 4.04 -23.95
C ASP C 250 40.78 4.92 -22.74
N GLY C 251 40.36 4.34 -21.62
CA GLY C 251 40.18 5.10 -20.41
C GLY C 251 41.44 5.87 -20.07
N PRO C 252 41.29 7.10 -19.56
CA PRO C 252 42.43 7.82 -19.00
C PRO C 252 43.26 6.92 -18.11
N ALA C 253 42.53 6.13 -17.32
CA ALA C 253 43.11 5.03 -16.56
C ALA C 253 44.03 4.18 -17.41
N ALA C 254 43.55 3.74 -18.58
CA ALA C 254 44.34 2.86 -19.45
C ALA C 254 45.56 3.60 -19.98
N ASN C 255 45.36 4.81 -20.52
CA ASN C 255 46.48 5.59 -21.03
C ASN C 255 47.51 5.88 -19.93
N ALA C 256 47.07 5.89 -18.67
CA ALA C 256 47.95 6.14 -17.54
C ALA C 256 48.53 4.86 -16.94
N GLY C 257 48.12 3.69 -17.43
CA GLY C 257 48.78 2.45 -17.08
C GLY C 257 48.25 1.71 -15.87
N ILE C 258 47.07 2.07 -15.36
CA ILE C 258 46.48 1.31 -14.27
C ILE C 258 46.01 -0.03 -14.79
N GLN C 259 46.18 -1.08 -13.99
CA GLN C 259 45.78 -2.40 -14.47
C GLN C 259 44.92 -3.11 -13.43
N VAL C 260 44.53 -4.33 -13.77
CA VAL C 260 43.56 -5.07 -12.97
C VAL C 260 44.23 -5.60 -11.71
N ASN C 261 43.40 -5.88 -10.69
CA ASN C 261 43.78 -6.30 -9.35
C ASN C 261 44.50 -5.20 -8.58
N ASP C 262 44.70 -4.04 -9.17
CA ASP C 262 45.38 -2.94 -8.50
C ASP C 262 44.50 -2.38 -7.38
N LEU C 263 45.07 -2.26 -6.19
CA LEU C 263 44.35 -1.77 -5.01
C LEU C 263 44.51 -0.26 -4.92
N ILE C 264 43.44 0.47 -5.22
CA ILE C 264 43.45 1.92 -5.16
C ILE C 264 43.22 2.34 -3.71
N ILE C 265 44.18 3.09 -3.14
CA ILE C 265 44.04 3.57 -1.78
C ILE C 265 43.81 5.08 -1.72
N SER C 266 44.25 5.83 -2.73
CA SER C 266 44.10 7.28 -2.73
C SER C 266 43.73 7.75 -4.13
N VAL C 267 42.90 8.79 -4.19
CA VAL C 267 42.50 9.43 -5.44
C VAL C 267 42.51 10.93 -5.22
N ASP C 268 43.33 11.63 -6.00
CA ASP C 268 43.54 13.07 -5.86
C ASP C 268 43.79 13.46 -4.40
N ASN C 269 44.67 12.70 -3.76
CA ASN C 269 45.09 12.96 -2.38
C ASN C 269 43.91 12.96 -1.41
N LYS C 270 42.90 12.14 -1.72
CA LYS C 270 41.81 11.79 -0.82
C LYS C 270 41.72 10.28 -0.74
N PRO C 271 41.56 9.72 0.46
CA PRO C 271 41.59 8.26 0.59
C PRO C 271 40.45 7.60 -0.16
N ALA C 272 40.78 6.57 -0.94
CA ALA C 272 39.78 5.74 -1.62
C ALA C 272 39.11 4.87 -0.56
N ILE C 273 38.22 5.50 0.21
CA ILE C 273 37.63 4.85 1.37
C ILE C 273 36.45 3.97 0.99
N SER C 274 35.77 4.30 -0.12
CA SER C 274 34.55 3.64 -0.54
C SER C 274 34.23 4.10 -1.95
N ALA C 275 33.76 3.17 -2.78
CA ALA C 275 33.54 3.47 -4.19
C ALA C 275 32.53 4.59 -4.38
N LEU C 276 31.56 4.72 -3.48
CA LEU C 276 30.50 5.71 -3.66
C LEU C 276 31.03 7.13 -3.45
N GLU C 277 31.81 7.35 -2.40
CA GLU C 277 32.35 8.68 -2.14
C GLU C 277 33.50 9.01 -3.08
N THR C 278 34.22 7.99 -3.56
CA THR C 278 35.22 8.21 -4.60
C THR C 278 34.54 8.46 -5.95
N MET C 279 33.42 7.80 -6.21
CA MET C 279 32.66 8.03 -7.43
C MET C 279 32.13 9.46 -7.48
N ASP C 280 31.60 9.95 -6.36
CA ASP C 280 31.26 11.37 -6.27
C ASP C 280 32.48 12.24 -6.47
N GLN C 281 33.62 11.82 -5.93
CA GLN C 281 34.82 12.66 -5.94
C GLN C 281 35.31 12.91 -7.35
N VAL C 282 35.48 11.84 -8.14
CA VAL C 282 36.01 11.99 -9.48
C VAL C 282 35.04 12.73 -10.39
N ALA C 283 33.74 12.56 -10.17
CA ALA C 283 32.74 13.17 -11.05
C ALA C 283 32.86 14.69 -11.06
N GLU C 284 33.18 15.29 -9.92
CA GLU C 284 33.31 16.74 -9.86
C GLU C 284 34.67 17.24 -10.32
N ILE C 285 35.62 16.34 -10.58
CA ILE C 285 36.92 16.76 -11.12
C ILE C 285 36.73 17.17 -12.57
N ARG C 286 37.04 18.43 -12.86
CA ARG C 286 36.84 18.97 -14.20
C ARG C 286 37.63 18.15 -15.23
N PRO C 287 37.02 17.78 -16.36
CA PRO C 287 37.74 16.99 -17.36
C PRO C 287 38.97 17.72 -17.86
N GLY C 288 40.01 16.94 -18.17
CA GLY C 288 41.29 17.50 -18.55
C GLY C 288 42.25 17.68 -17.40
N SER C 289 41.80 17.51 -16.16
CA SER C 289 42.69 17.59 -15.02
C SER C 289 43.63 16.38 -14.98
N VAL C 290 44.77 16.56 -14.33
CA VAL C 290 45.71 15.49 -14.06
C VAL C 290 45.80 15.31 -12.56
N ILE C 291 45.35 14.17 -12.06
CA ILE C 291 45.31 13.91 -10.62
C ILE C 291 46.15 12.68 -10.30
N PRO C 292 46.69 12.57 -9.10
CA PRO C 292 47.38 11.33 -8.72
C PRO C 292 46.41 10.31 -8.13
N VAL C 293 46.64 9.05 -8.48
CA VAL C 293 46.00 7.93 -7.81
C VAL C 293 47.09 7.00 -7.30
N VAL C 294 47.06 6.70 -6.01
CA VAL C 294 48.06 5.83 -5.40
C VAL C 294 47.56 4.40 -5.49
N VAL C 295 48.40 3.53 -6.04
CA VAL C 295 48.00 2.19 -6.42
C VAL C 295 48.88 1.18 -5.68
N MET C 296 48.49 -0.09 -5.76
CA MET C 296 49.24 -1.19 -5.16
C MET C 296 49.12 -2.41 -6.06
N ARG C 297 50.26 -2.96 -6.46
CA ARG C 297 50.32 -4.25 -7.14
C ARG C 297 51.42 -5.08 -6.50
N ASP C 298 51.05 -6.23 -5.94
CA ASP C 298 51.98 -7.14 -5.28
C ASP C 298 52.62 -6.52 -4.04
N ASP C 299 51.88 -5.66 -3.33
CA ASP C 299 52.26 -4.98 -2.09
C ASP C 299 53.22 -3.82 -2.36
N LYS C 300 53.69 -3.62 -3.59
CA LYS C 300 54.54 -2.48 -3.92
C LYS C 300 53.67 -1.28 -4.32
N GLN C 301 53.99 -0.11 -3.79
CA GLN C 301 53.17 1.09 -3.92
C GLN C 301 53.64 1.97 -5.08
N LEU C 302 52.68 2.46 -5.86
CA LEU C 302 52.98 3.34 -6.98
C LEU C 302 52.00 4.52 -6.99
N THR C 303 52.43 5.63 -7.58
CA THR C 303 51.61 6.82 -7.74
C THR C 303 51.64 7.22 -9.21
N LEU C 304 50.50 7.09 -9.88
CA LEU C 304 50.38 7.34 -11.31
C LEU C 304 49.49 8.54 -11.58
N GLN C 305 49.75 9.25 -12.67
CA GLN C 305 49.00 10.43 -13.05
C GLN C 305 47.98 10.07 -14.11
N VAL C 306 46.71 10.39 -13.85
CA VAL C 306 45.61 10.10 -14.76
C VAL C 306 45.04 11.41 -15.25
N THR C 307 44.82 11.51 -16.56
CA THR C 307 44.28 12.72 -17.19
C THR C 307 42.76 12.56 -17.32
N ILE C 308 42.03 13.24 -16.45
CA ILE C 308 40.57 13.07 -16.37
C ILE C 308 39.92 13.41 -17.70
N GLN C 309 39.04 12.54 -18.16
CA GLN C 309 38.18 12.79 -19.32
C GLN C 309 36.75 13.03 -18.87
N GLU C 310 35.92 13.45 -19.81
CA GLU C 310 34.50 13.61 -19.55
C GLU C 310 33.81 12.26 -19.68
N TYR C 311 32.83 12.02 -18.82
CA TYR C 311 32.08 10.77 -18.86
C TYR C 311 31.35 10.64 -20.19
N PRO C 312 31.47 9.50 -20.87
CA PRO C 312 30.82 9.35 -22.18
C PRO C 312 29.30 9.41 -22.09
N ALA C 313 28.68 9.83 -23.19
CA ALA C 313 27.28 10.23 -23.20
C ALA C 313 26.35 9.04 -23.44
N THR C 314 25.06 9.32 -23.47
CA THR C 314 24.03 8.30 -23.73
C THR C 314 22.88 8.89 -24.54
N LEU D 6 -15.15 11.05 -23.19
CA LEU D 6 -15.78 11.79 -22.10
C LEU D 6 -17.24 12.09 -22.42
N VAL D 7 -17.93 11.10 -22.96
CA VAL D 7 -19.33 11.22 -23.36
C VAL D 7 -20.21 10.70 -22.24
N TYR D 8 -21.16 11.52 -21.79
CA TYR D 8 -22.12 11.13 -20.78
C TYR D 8 -23.42 10.71 -21.48
N GLN D 9 -23.85 9.47 -21.24
CA GLN D 9 -25.11 8.98 -21.76
C GLN D 9 -26.20 9.25 -20.74
N PHE D 10 -27.17 10.09 -21.11
CA PHE D 10 -28.30 10.36 -20.24
C PHE D 10 -29.56 10.72 -21.04
N LEU E 6 -10.64 -30.04 8.77
CA LEU E 6 -10.75 -29.17 9.94
C LEU E 6 -10.37 -29.95 11.19
N VAL E 7 -9.18 -30.54 11.20
CA VAL E 7 -8.70 -31.31 12.34
C VAL E 7 -7.69 -30.47 13.11
N TYR E 8 -7.82 -30.48 14.43
CA TYR E 8 -6.94 -29.74 15.33
C TYR E 8 -6.10 -30.72 16.13
N GLN E 9 -4.79 -30.49 16.16
CA GLN E 9 -3.85 -31.38 16.84
C GLN E 9 -3.42 -30.77 18.17
N PHE E 10 -3.57 -31.54 19.24
CA PHE E 10 -3.10 -31.12 20.57
C PHE E 10 -3.02 -32.29 21.54
N LEU F 6 27.95 -3.48 -7.16
CA LEU F 6 29.03 -4.40 -7.47
C LEU F 6 30.18 -3.68 -8.17
N VAL F 7 30.20 -3.72 -9.49
CA VAL F 7 31.21 -3.02 -10.28
C VAL F 7 30.71 -1.61 -10.57
N TYR F 8 31.52 -0.62 -10.24
CA TYR F 8 31.17 0.79 -10.40
C TYR F 8 32.07 1.41 -11.46
N GLN F 9 31.47 2.08 -12.43
CA GLN F 9 32.20 2.68 -13.54
C GLN F 9 32.46 4.15 -13.23
N PHE F 10 33.71 4.50 -12.97
CA PHE F 10 34.10 5.90 -12.87
C PHE F 10 35.46 6.14 -13.50
#